data_7URE
#
_entry.id   7URE
#
_cell.length_a   1.00
_cell.length_b   1.00
_cell.length_c   1.00
_cell.angle_alpha   90.00
_cell.angle_beta   90.00
_cell.angle_gamma   90.00
#
_symmetry.space_group_name_H-M   'P 1'
#
loop_
_entity.id
_entity.type
_entity.pdbx_description
1 polymer 'Isoform 2 of Protein-serine O-palmitoleoyltransferase porcupine'
2 polymer '2C11 light chain'
3 polymer '2C11 heavy chain'
4 polymer 'Protein Wnt-3a'
5 non-polymer Digitonin
6 non-polymer 'ZINC ION'
7 non-polymer 'PALMITOLEIC ACID'
#
loop_
_entity_poly.entity_id
_entity_poly.type
_entity_poly.pdbx_seq_one_letter_code
_entity_poly.pdbx_strand_id
1 'polypeptide(L)'
;MDYKDDDDKATFSRQEFFQQLLQGCLLPTAQQGLDQIWLLLAICLACRLLWRLGLPSYLKHASTVAGGFFSLYHFFQLHM
VWVVLLSLLCYLVLFLCRHSSHRGVFLSVTILIYLLMGEMHMVDTVTWHKMRGAQMIVAMKAVSLGFDLDRGEVGTVPSP
VEFMGYLYFVGTIVFGPWISFHSYLQAVQGRPLSCRWLQKVARSLALALLCLVLSTCVGPYLFPYFIPLNGDRLLRNKKR
KARWLRAYESAVSFHFSNYFVGFLSEATATLAGAGFTEEKDHLEWDLTVSKPLNVELPRSMVEVVTSWNLPMSYWLNNYV
FKNALRLGTFSAVLVTYAASALLHGFSFHLAAVLLSLAFITYVEHVLRKRLARILSACVLSKRCPPDCSHQHRLGLGVRA
LNLLFGALAIFHLAYLGSLFDVDVDDTTEEQGYGMAYTVHKWSELSWASHWVTFGCWIFYRLIG
;
A
2 'polypeptide(L)'
;MGWSCIILFLVATARTGVHSDIHMTQSPASLSAFVGETVTITCRTSENIFSYLAWYQQKQGKSPQLLVYNAKTLTSGVPS
RFSGSGSGTQFSLKINSLQPEDFGSYYCQHHYGSPYTFGGGTKLEIKRTVAAPSVFIFPPSDEQLKSGTASVVCLLNNFY
PREAKVQWKVDNALQSGNSQESVTEQDSKDSTYSLSSTLTLSKADYEKHKVYACEVTHQGLSSPVTKSFNRGEC
;
L
3 'polypeptide(L)'
;MGWSCIILFLVATATGVHSEIQLQQSGAELVKPGASVKMSCKVSGYSFTGYNMNWVKQSHGKSLEWIGNINPYYVSTNYN
QKFTGKATFTVDRSSSTAYMQLDSLTSEDSAVYYCARSYGSSHTFAYWGQGTLVTVSSASTKGPSVFPLAPSSKSTSGGT
AALGCLVKDYFPEPVTVSWNSGALTSGVHTFPAVLQSSGLYSLSSVVTVPSSSLGTQTYICNVNHKPSNTKVDKRVEPKS
CDKTHHHHHH
;
H
4 'polypeptide(L)' MHLKCKCHGL(DPP)GSCEVKTCWWS B
#
# COMPACT_ATOMS: atom_id res chain seq x y z
N PHE A 12 -17.89 -34.62 32.36
CA PHE A 12 -16.66 -34.08 31.82
C PHE A 12 -16.10 -33.04 32.79
N SER A 13 -15.57 -33.53 33.92
CA SER A 13 -15.12 -32.66 34.99
C SER A 13 -13.96 -31.79 34.55
N ARG A 14 -13.79 -30.66 35.24
CA ARG A 14 -12.70 -29.74 34.92
C ARG A 14 -11.35 -30.44 35.01
N GLN A 15 -11.13 -31.22 36.07
CA GLN A 15 -9.89 -31.98 36.18
C GLN A 15 -9.78 -33.03 35.07
N GLU A 16 -10.91 -33.62 34.67
CA GLU A 16 -10.88 -34.59 33.58
C GLU A 16 -10.56 -33.91 32.26
N PHE A 17 -10.95 -32.65 32.09
CA PHE A 17 -10.57 -31.91 30.89
C PHE A 17 -9.09 -31.53 30.92
N PHE A 18 -8.61 -31.09 32.09
CA PHE A 18 -7.23 -30.61 32.17
C PHE A 18 -6.22 -31.76 32.11
N GLN A 19 -6.58 -32.94 32.60
CA GLN A 19 -5.63 -34.05 32.59
C GLN A 19 -5.24 -34.44 31.17
N GLN A 20 -6.13 -34.22 30.20
CA GLN A 20 -5.82 -34.48 28.81
C GLN A 20 -5.63 -33.23 27.97
N LEU A 21 -5.91 -32.05 28.54
CA LEU A 21 -5.68 -30.80 27.81
C LEU A 21 -4.28 -30.74 27.23
N LEU A 22 -3.27 -30.75 28.12
CA LEU A 22 -1.89 -30.53 27.70
C LEU A 22 -1.54 -31.42 26.53
N GLN A 23 -1.54 -32.74 26.75
CA GLN A 23 -1.16 -33.64 25.68
C GLN A 23 -2.11 -33.50 24.49
N GLY A 24 -3.36 -33.94 24.66
CA GLY A 24 -4.24 -34.15 23.51
C GLY A 24 -4.71 -32.90 22.81
N CYS A 25 -4.39 -31.71 23.30
CA CYS A 25 -4.67 -30.49 22.57
C CYS A 25 -3.42 -29.71 22.22
N LEU A 26 -2.56 -29.43 23.20
CA LEU A 26 -1.39 -28.61 22.91
C LEU A 26 -0.41 -29.32 21.98
N LEU A 27 -0.29 -30.65 22.06
CA LEU A 27 0.70 -31.27 21.19
C LEU A 27 0.19 -31.46 19.76
N PRO A 28 -1.03 -31.99 19.55
CA PRO A 28 -1.48 -32.19 18.16
C PRO A 28 -1.62 -30.91 17.36
N THR A 29 -2.15 -29.84 17.96
CA THR A 29 -2.35 -28.62 17.19
C THR A 29 -1.04 -27.95 16.83
N ALA A 30 -0.10 -27.87 17.78
CA ALA A 30 1.22 -27.34 17.46
C ALA A 30 1.92 -28.18 16.41
N GLN A 31 1.82 -29.51 16.54
CA GLN A 31 2.46 -30.39 15.57
C GLN A 31 1.85 -30.24 14.19
N GLN A 32 0.53 -30.04 14.11
CA GLN A 32 -0.11 -29.86 12.82
C GLN A 32 0.26 -28.52 12.21
N GLY A 33 0.28 -27.46 13.01
CA GLY A 33 0.76 -26.18 12.52
C GLY A 33 2.15 -26.27 11.93
N LEU A 34 3.07 -26.91 12.67
CA LEU A 34 4.43 -27.06 12.16
C LEU A 34 4.45 -27.91 10.90
N ASP A 35 3.73 -29.02 10.89
CA ASP A 35 3.74 -29.92 9.75
C ASP A 35 3.16 -29.27 8.51
N GLN A 36 2.28 -28.28 8.68
CA GLN A 36 1.67 -27.64 7.52
C GLN A 36 2.39 -26.38 7.08
N ILE A 37 3.17 -25.73 7.95
CA ILE A 37 3.85 -24.50 7.56
C ILE A 37 5.35 -24.67 7.43
N TRP A 38 5.89 -25.85 7.72
CA TRP A 38 7.35 -26.00 7.69
C TRP A 38 7.90 -25.85 6.27
N LEU A 39 7.17 -26.34 5.27
CA LEU A 39 7.67 -26.24 3.90
C LEU A 39 7.60 -24.80 3.40
N LEU A 40 6.54 -24.07 3.75
CA LEU A 40 6.48 -22.65 3.41
C LEU A 40 7.61 -21.89 4.06
N LEU A 41 7.92 -22.18 5.32
CA LEU A 41 9.03 -21.52 5.99
C LEU A 41 10.36 -21.87 5.33
N ALA A 42 10.53 -23.14 4.95
CA ALA A 42 11.77 -23.56 4.30
C ALA A 42 11.96 -22.87 2.96
N ILE A 43 10.89 -22.74 2.18
CA ILE A 43 11.01 -22.07 0.88
C ILE A 43 11.27 -20.59 1.06
N CYS A 44 10.63 -19.96 2.06
CA CYS A 44 10.93 -18.56 2.34
C CYS A 44 12.39 -18.37 2.71
N LEU A 45 12.93 -19.25 3.55
CA LEU A 45 14.33 -19.14 3.94
C LEU A 45 15.26 -19.40 2.76
N ALA A 46 14.89 -20.34 1.89
CA ALA A 46 15.70 -20.62 0.71
C ALA A 46 15.74 -19.42 -0.23
N CYS A 47 14.61 -18.76 -0.43
CA CYS A 47 14.60 -17.55 -1.25
C CYS A 47 15.41 -16.44 -0.60
N ARG A 48 15.33 -16.30 0.73
CA ARG A 48 16.12 -15.28 1.41
C ARG A 48 17.60 -15.53 1.24
N LEU A 49 18.05 -16.78 1.41
CA LEU A 49 19.46 -17.10 1.26
C LEU A 49 19.92 -16.98 -0.18
N LEU A 50 19.05 -17.31 -1.14
CA LEU A 50 19.39 -17.22 -2.56
C LEU A 50 19.41 -15.78 -3.06
N TRP A 51 18.66 -14.87 -2.43
CA TRP A 51 18.71 -13.47 -2.78
C TRP A 51 19.88 -12.74 -2.14
N ARG A 52 20.87 -13.47 -1.65
CA ARG A 52 22.06 -12.88 -1.05
C ARG A 52 23.32 -13.13 -1.86
N LEU A 53 23.33 -14.12 -2.75
CA LEU A 53 24.51 -14.41 -3.56
C LEU A 53 24.83 -13.30 -4.54
N GLY A 54 23.85 -12.49 -4.92
CA GLY A 54 24.08 -11.42 -5.86
C GLY A 54 23.82 -11.80 -7.30
N LEU A 55 22.74 -12.53 -7.53
CA LEU A 55 22.32 -12.89 -8.87
C LEU A 55 21.69 -11.69 -9.57
N PRO A 56 21.50 -11.75 -10.88
CA PRO A 56 20.74 -10.70 -11.56
C PRO A 56 19.32 -10.60 -11.01
N SER A 57 18.70 -9.45 -11.24
CA SER A 57 17.38 -9.19 -10.67
C SER A 57 16.32 -10.12 -11.26
N TYR A 58 16.36 -10.33 -12.57
CA TYR A 58 15.34 -11.17 -13.18
C TYR A 58 15.47 -12.62 -12.74
N LEU A 59 16.68 -13.06 -12.40
CA LEU A 59 16.82 -14.38 -11.78
C LEU A 59 16.12 -14.44 -10.43
N LYS A 60 16.21 -13.36 -9.65
CA LYS A 60 15.54 -13.33 -8.35
C LYS A 60 14.03 -13.36 -8.52
N HIS A 61 13.51 -12.60 -9.48
CA HIS A 61 12.08 -12.60 -9.72
C HIS A 61 11.59 -13.96 -10.22
N ALA A 62 12.37 -14.60 -11.09
CA ALA A 62 12.00 -15.94 -11.55
C ALA A 62 12.05 -16.94 -10.39
N SER A 63 13.03 -16.79 -9.50
CA SER A 63 13.14 -17.68 -8.36
C SER A 63 11.92 -17.55 -7.45
N THR A 64 11.49 -16.32 -7.17
CA THR A 64 10.32 -16.17 -6.32
C THR A 64 9.04 -16.56 -7.05
N VAL A 65 9.00 -16.47 -8.38
CA VAL A 65 7.85 -16.98 -9.11
C VAL A 65 7.74 -18.49 -8.96
N ALA A 66 8.87 -19.20 -9.10
CA ALA A 66 8.86 -20.65 -8.93
C ALA A 66 8.52 -21.04 -7.50
N GLY A 67 9.05 -20.29 -6.53
CA GLY A 67 8.72 -20.55 -5.14
C GLY A 67 7.25 -20.34 -4.84
N GLY A 68 6.66 -19.28 -5.40
CA GLY A 68 5.24 -19.04 -5.21
C GLY A 68 4.39 -20.11 -5.86
N PHE A 69 4.80 -20.57 -7.04
CA PHE A 69 4.10 -21.69 -7.68
C PHE A 69 4.12 -22.92 -6.79
N PHE A 70 5.28 -23.26 -6.24
CA PHE A 70 5.37 -24.46 -5.42
C PHE A 70 4.57 -24.30 -4.13
N SER A 71 4.58 -23.11 -3.52
CA SER A 71 3.83 -22.89 -2.30
C SER A 71 2.32 -22.98 -2.56
N LEU A 72 1.86 -22.31 -3.62
CA LEU A 72 0.45 -22.39 -3.98
C LEU A 72 0.03 -23.83 -4.27
N TYR A 73 0.90 -24.61 -4.91
CA TYR A 73 0.56 -26.01 -5.16
C TYR A 73 0.49 -26.80 -3.86
N HIS A 74 1.45 -26.57 -2.96
CA HIS A 74 1.47 -27.31 -1.70
C HIS A 74 0.22 -27.04 -0.88
N PHE A 75 -0.17 -25.77 -0.74
CA PHE A 75 -1.33 -25.46 0.07
C PHE A 75 -2.63 -25.77 -0.65
N PHE A 76 -2.81 -25.24 -1.86
CA PHE A 76 -3.98 -25.52 -2.69
C PHE A 76 -3.56 -26.50 -3.76
N GLN A 77 -4.08 -27.73 -3.68
CA GLN A 77 -3.49 -28.85 -4.40
C GLN A 77 -3.40 -28.58 -5.90
N LEU A 78 -4.53 -28.43 -6.56
CA LEU A 78 -4.54 -28.13 -7.98
C LEU A 78 -5.46 -26.99 -8.36
N HIS A 79 -6.28 -26.50 -7.44
CA HIS A 79 -7.16 -25.37 -7.68
C HIS A 79 -6.42 -24.06 -7.75
N MET A 80 -5.09 -24.06 -7.68
CA MET A 80 -4.32 -22.83 -7.83
C MET A 80 -4.41 -22.24 -9.22
N VAL A 81 -5.06 -22.93 -10.16
CA VAL A 81 -5.20 -22.38 -11.51
C VAL A 81 -6.03 -21.11 -11.48
N TRP A 82 -6.89 -20.95 -10.48
CA TRP A 82 -7.67 -19.73 -10.39
C TRP A 82 -6.80 -18.54 -10.00
N VAL A 83 -5.88 -18.74 -9.05
CA VAL A 83 -4.94 -17.68 -8.72
C VAL A 83 -3.99 -17.40 -9.89
N VAL A 84 -3.58 -18.45 -10.60
CA VAL A 84 -2.68 -18.27 -11.74
C VAL A 84 -3.37 -17.47 -12.84
N LEU A 85 -4.64 -17.80 -13.12
CA LEU A 85 -5.38 -17.05 -14.13
C LEU A 85 -5.67 -15.63 -13.66
N LEU A 86 -5.89 -15.42 -12.35
CA LEU A 86 -6.06 -14.06 -11.86
C LEU A 86 -4.80 -13.25 -12.07
N SER A 87 -3.63 -13.84 -11.83
CA SER A 87 -2.38 -13.12 -12.05
C SER A 87 -2.18 -12.80 -13.53
N LEU A 88 -2.42 -13.79 -14.40
CA LEU A 88 -2.27 -13.55 -15.84
C LEU A 88 -3.23 -12.48 -16.32
N LEU A 89 -4.46 -12.48 -15.81
CA LEU A 89 -5.45 -11.50 -16.21
C LEU A 89 -5.09 -10.11 -15.70
N CYS A 90 -4.60 -10.01 -14.47
CA CYS A 90 -4.15 -8.73 -13.95
C CYS A 90 -3.00 -8.18 -14.78
N TYR A 91 -2.07 -9.03 -15.20
CA TYR A 91 -0.99 -8.52 -16.03
C TYR A 91 -1.48 -8.12 -17.42
N LEU A 92 -2.41 -8.89 -17.99
CA LEU A 92 -2.97 -8.51 -19.28
C LEU A 92 -3.64 -7.13 -19.21
N VAL A 93 -4.41 -6.90 -18.15
CA VAL A 93 -5.11 -5.63 -18.02
C VAL A 93 -4.13 -4.49 -17.72
N LEU A 94 -3.06 -4.77 -16.96
CA LEU A 94 -2.08 -3.73 -16.69
C LEU A 94 -1.26 -3.40 -17.93
N PHE A 95 -1.03 -4.38 -18.81
CA PHE A 95 -0.28 -4.12 -20.02
C PHE A 95 -1.13 -3.38 -21.05
N LEU A 96 -2.40 -3.76 -21.18
CA LEU A 96 -3.26 -3.11 -22.17
C LEU A 96 -3.46 -1.64 -21.84
N CYS A 97 -3.54 -1.31 -20.55
CA CYS A 97 -3.74 0.07 -20.10
C CYS A 97 -2.48 0.63 -19.43
N ARG A 98 -1.30 0.25 -19.94
CA ARG A 98 -0.05 0.66 -19.32
C ARG A 98 0.21 2.15 -19.51
N HIS A 99 -0.29 2.74 -20.59
CA HIS A 99 -0.06 4.15 -20.88
C HIS A 99 -1.16 5.05 -20.33
N SER A 100 -2.27 4.49 -19.87
CA SER A 100 -3.39 5.29 -19.40
C SER A 100 -3.09 5.88 -18.03
N SER A 101 -4.02 6.70 -17.55
CA SER A 101 -4.00 7.22 -16.19
C SER A 101 -5.09 6.61 -15.33
N HIS A 102 -5.85 5.67 -15.87
CA HIS A 102 -6.97 5.04 -15.19
C HIS A 102 -6.61 3.68 -14.61
N ARG A 103 -5.33 3.28 -14.65
CA ARG A 103 -4.89 1.94 -14.32
C ARG A 103 -5.58 1.37 -13.09
N GLY A 104 -5.78 2.22 -12.07
CA GLY A 104 -6.44 1.78 -10.87
C GLY A 104 -7.85 1.29 -11.13
N VAL A 105 -8.65 2.09 -11.84
CA VAL A 105 -10.04 1.71 -12.05
C VAL A 105 -10.15 0.55 -13.02
N PHE A 106 -9.23 0.45 -13.99
CA PHE A 106 -9.26 -0.67 -14.92
C PHE A 106 -8.97 -1.98 -14.20
N LEU A 107 -7.87 -2.00 -13.43
CA LEU A 107 -7.55 -3.20 -12.64
C LEU A 107 -8.63 -3.51 -11.63
N SER A 108 -9.27 -2.48 -11.06
CA SER A 108 -10.29 -2.71 -10.06
C SER A 108 -11.55 -3.32 -10.68
N VAL A 109 -11.98 -2.80 -11.83
CA VAL A 109 -13.15 -3.37 -12.51
C VAL A 109 -12.84 -4.79 -12.96
N THR A 110 -11.62 -5.05 -13.41
CA THR A 110 -11.25 -6.41 -13.79
C THR A 110 -11.32 -7.36 -12.59
N ILE A 111 -10.71 -6.97 -11.47
CA ILE A 111 -10.76 -7.78 -10.26
C ILE A 111 -12.20 -8.02 -9.82
N LEU A 112 -13.02 -6.97 -9.87
CA LEU A 112 -14.41 -7.08 -9.43
C LEU A 112 -15.18 -8.07 -10.30
N ILE A 113 -15.03 -7.94 -11.62
CA ILE A 113 -15.71 -8.87 -12.52
C ILE A 113 -15.23 -10.29 -12.31
N TYR A 114 -13.93 -10.47 -12.05
CA TYR A 114 -13.40 -11.80 -11.82
C TYR A 114 -13.99 -12.42 -10.56
N LEU A 115 -13.99 -11.67 -9.46
CA LEU A 115 -14.52 -12.22 -8.21
C LEU A 115 -16.01 -12.49 -8.32
N LEU A 116 -16.75 -11.63 -9.02
CA LEU A 116 -18.17 -11.86 -9.18
C LEU A 116 -18.45 -13.10 -10.03
N MET A 117 -17.76 -13.23 -11.16
CA MET A 117 -17.97 -14.41 -11.99
C MET A 117 -17.50 -15.68 -11.29
N GLY A 118 -16.53 -15.56 -10.38
CA GLY A 118 -16.16 -16.71 -9.57
C GLY A 118 -17.26 -17.11 -8.61
N GLU A 119 -17.74 -16.16 -7.81
CA GLU A 119 -18.82 -16.44 -6.87
C GLU A 119 -20.10 -16.87 -7.57
N MET A 120 -20.27 -16.54 -8.85
CA MET A 120 -21.41 -17.04 -9.60
C MET A 120 -21.14 -18.47 -10.08
N HIS A 121 -20.76 -19.33 -9.14
CA HIS A 121 -20.54 -20.76 -9.39
C HIS A 121 -19.61 -20.98 -10.58
N MET A 122 -18.47 -20.30 -10.57
CA MET A 122 -17.39 -20.70 -11.46
C MET A 122 -16.52 -21.77 -10.84
N VAL A 123 -16.52 -21.88 -9.51
CA VAL A 123 -15.78 -22.91 -8.80
C VAL A 123 -16.55 -23.24 -7.53
N ASP A 124 -16.32 -24.44 -7.00
CA ASP A 124 -17.04 -24.91 -5.83
C ASP A 124 -16.87 -23.96 -4.66
N THR A 125 -17.85 -24.01 -3.75
CA THR A 125 -17.84 -23.09 -2.61
C THR A 125 -16.68 -23.38 -1.67
N VAL A 126 -16.32 -24.65 -1.50
CA VAL A 126 -15.30 -25.02 -0.54
C VAL A 126 -13.93 -24.54 -0.99
N THR A 127 -13.59 -24.75 -2.28
CA THR A 127 -12.30 -24.31 -2.77
C THR A 127 -12.20 -22.80 -2.84
N TRP A 128 -13.32 -22.11 -3.12
CA TRP A 128 -13.28 -20.65 -3.10
C TRP A 128 -13.10 -20.14 -1.68
N HIS A 129 -13.75 -20.77 -0.70
CA HIS A 129 -13.50 -20.41 0.68
C HIS A 129 -12.07 -20.70 1.07
N LYS A 130 -11.45 -21.69 0.44
CA LYS A 130 -10.05 -22.03 0.73
C LYS A 130 -9.11 -20.98 0.15
N MET A 131 -9.39 -20.49 -1.05
CA MET A 131 -8.48 -19.60 -1.77
C MET A 131 -8.87 -18.13 -1.67
N ARG A 132 -9.87 -17.80 -0.85
CA ARG A 132 -10.24 -16.41 -0.65
C ARG A 132 -9.04 -15.55 -0.26
N GLY A 133 -8.20 -16.04 0.66
CA GLY A 133 -7.10 -15.23 1.14
C GLY A 133 -6.04 -14.99 0.08
N ALA A 134 -5.65 -16.03 -0.64
CA ALA A 134 -4.66 -15.88 -1.70
C ALA A 134 -5.16 -14.93 -2.79
N GLN A 135 -6.41 -15.10 -3.22
CA GLN A 135 -6.94 -14.23 -4.25
C GLN A 135 -7.11 -12.80 -3.75
N MET A 136 -7.46 -12.63 -2.48
CA MET A 136 -7.56 -11.29 -1.90
C MET A 136 -6.21 -10.60 -1.89
N ILE A 137 -5.14 -11.32 -1.53
CA ILE A 137 -3.82 -10.71 -1.53
C ILE A 137 -3.38 -10.36 -2.95
N VAL A 138 -3.65 -11.24 -3.91
CA VAL A 138 -3.26 -10.95 -5.30
C VAL A 138 -4.02 -9.73 -5.82
N ALA A 139 -5.32 -9.64 -5.52
CA ALA A 139 -6.10 -8.50 -5.95
C ALA A 139 -5.62 -7.21 -5.31
N MET A 140 -5.34 -7.24 -4.00
CA MET A 140 -4.85 -6.06 -3.32
C MET A 140 -3.52 -5.61 -3.91
N LYS A 141 -2.63 -6.56 -4.22
CA LYS A 141 -1.33 -6.20 -4.79
C LYS A 141 -1.50 -5.56 -6.16
N ALA A 142 -2.33 -6.16 -7.02
CA ALA A 142 -2.50 -5.63 -8.37
C ALA A 142 -3.13 -4.23 -8.34
N VAL A 143 -4.18 -4.05 -7.53
CA VAL A 143 -4.85 -2.76 -7.46
C VAL A 143 -3.92 -1.70 -6.86
N SER A 144 -3.12 -2.08 -5.86
CA SER A 144 -2.20 -1.12 -5.27
C SER A 144 -1.12 -0.70 -6.26
N LEU A 145 -0.62 -1.64 -7.05
CA LEU A 145 0.36 -1.28 -8.08
C LEU A 145 -0.27 -0.37 -9.12
N GLY A 146 -1.50 -0.65 -9.53
CA GLY A 146 -2.18 0.22 -10.47
C GLY A 146 -2.30 1.64 -9.95
N PHE A 147 -2.76 1.80 -8.71
CA PHE A 147 -2.94 3.14 -8.16
C PHE A 147 -1.60 3.82 -7.86
N ASP A 148 -0.57 3.05 -7.53
CA ASP A 148 0.76 3.64 -7.34
C ASP A 148 1.30 4.18 -8.66
N LEU A 149 1.10 3.44 -9.75
CA LEU A 149 1.51 3.94 -11.06
C LEU A 149 0.70 5.15 -11.45
N ASP A 150 -0.59 5.17 -11.11
CA ASP A 150 -1.43 6.32 -11.44
C ASP A 150 -0.99 7.57 -10.71
N ARG A 151 -0.92 7.50 -9.39
CA ARG A 151 -0.61 8.69 -8.59
C ARG A 151 0.80 9.19 -8.83
N GLY A 152 1.72 8.33 -9.26
CA GLY A 152 3.09 8.71 -9.47
C GLY A 152 4.07 8.30 -8.40
N GLU A 153 3.69 7.34 -7.55
CA GLU A 153 4.59 6.84 -6.52
C GLU A 153 5.44 5.68 -6.99
N VAL A 154 5.11 5.07 -8.13
CA VAL A 154 5.95 4.09 -8.80
C VAL A 154 6.23 4.64 -10.20
N GLY A 155 7.50 4.69 -10.55
CA GLY A 155 7.91 5.36 -11.77
C GLY A 155 7.42 4.74 -13.06
N THR A 156 7.88 3.53 -13.36
CA THR A 156 7.54 2.86 -14.61
C THR A 156 6.77 1.58 -14.33
N VAL A 157 6.07 1.10 -15.35
CA VAL A 157 5.32 -0.15 -15.22
C VAL A 157 6.29 -1.32 -15.16
N PRO A 158 6.05 -2.33 -14.33
CA PRO A 158 7.00 -3.44 -14.23
C PRO A 158 6.98 -4.34 -15.45
N SER A 159 8.12 -4.96 -15.71
CA SER A 159 8.23 -5.96 -16.75
C SER A 159 7.40 -7.18 -16.37
N PRO A 160 7.21 -8.15 -17.28
CA PRO A 160 6.44 -9.33 -16.91
C PRO A 160 6.98 -10.06 -15.68
N VAL A 161 8.29 -10.29 -15.64
CA VAL A 161 8.86 -11.09 -14.56
C VAL A 161 8.81 -10.30 -13.24
N GLU A 162 8.97 -8.98 -13.29
CA GLU A 162 8.85 -8.20 -12.05
C GLU A 162 7.44 -8.24 -11.50
N PHE A 163 6.44 -8.06 -12.38
CA PHE A 163 5.05 -8.11 -11.92
C PHE A 163 4.70 -9.49 -11.38
N MET A 164 5.15 -10.56 -12.04
CA MET A 164 4.86 -11.89 -11.56
C MET A 164 5.55 -12.16 -10.23
N GLY A 165 6.86 -11.95 -10.16
CA GLY A 165 7.57 -12.09 -8.90
C GLY A 165 7.04 -11.21 -7.80
N TYR A 166 6.30 -10.15 -8.15
CA TYR A 166 5.60 -9.38 -7.13
C TYR A 166 4.34 -10.08 -6.67
N LEU A 167 3.52 -10.55 -7.60
CA LEU A 167 2.29 -11.23 -7.21
C LEU A 167 2.58 -12.56 -6.53
N TYR A 168 3.62 -13.28 -6.96
CA TYR A 168 3.99 -14.56 -6.40
C TYR A 168 5.16 -14.45 -5.42
N PHE A 169 5.25 -13.34 -4.68
CA PHE A 169 6.30 -13.24 -3.67
C PHE A 169 6.13 -14.35 -2.64
N VAL A 170 7.16 -15.18 -2.51
CA VAL A 170 7.03 -16.39 -1.71
C VAL A 170 6.79 -16.11 -0.24
N GLY A 171 7.02 -14.88 0.21
CA GLY A 171 6.76 -14.53 1.58
C GLY A 171 5.30 -14.21 1.84
N THR A 172 4.69 -13.45 0.93
CA THR A 172 3.34 -12.93 1.11
C THR A 172 2.38 -13.48 0.07
N ILE A 173 2.46 -14.77 -0.23
CA ILE A 173 1.61 -15.39 -1.25
C ILE A 173 0.41 -16.10 -0.63
N VAL A 174 0.61 -16.84 0.46
CA VAL A 174 -0.45 -17.64 1.05
C VAL A 174 -1.09 -16.92 2.22
N PHE A 175 -0.31 -16.69 3.28
CA PHE A 175 -0.76 -15.97 4.47
C PHE A 175 -0.38 -14.50 4.44
N GLY A 176 0.80 -14.19 3.92
CA GLY A 176 1.44 -12.90 4.11
C GLY A 176 0.57 -11.71 3.78
N PRO A 177 0.89 -10.56 4.37
CA PRO A 177 0.09 -9.36 4.17
C PRO A 177 0.37 -8.72 2.81
N TRP A 178 -0.42 -7.72 2.49
CA TRP A 178 -0.14 -6.91 1.32
C TRP A 178 1.09 -6.05 1.58
N ILE A 179 2.04 -6.07 0.65
CA ILE A 179 3.21 -5.20 0.71
C ILE A 179 3.28 -4.40 -0.58
N SER A 180 3.66 -3.13 -0.47
CA SER A 180 3.76 -2.27 -1.64
C SER A 180 4.82 -2.81 -2.59
N PHE A 181 4.67 -2.45 -3.87
CA PHE A 181 5.61 -2.92 -4.89
C PHE A 181 7.04 -2.50 -4.55
N HIS A 182 7.21 -1.32 -3.96
CA HIS A 182 8.55 -0.87 -3.61
C HIS A 182 9.10 -1.62 -2.40
N SER A 183 8.23 -2.04 -1.47
CA SER A 183 8.68 -2.91 -0.39
C SER A 183 9.20 -4.23 -0.95
N TYR A 184 8.50 -4.79 -1.94
CA TYR A 184 8.96 -6.02 -2.56
C TYR A 184 10.26 -5.81 -3.33
N LEU A 185 10.42 -4.65 -3.97
CA LEU A 185 11.66 -4.36 -4.67
C LEU A 185 12.82 -4.25 -3.70
N GLN A 186 12.62 -3.54 -2.59
CA GLN A 186 13.65 -3.48 -1.55
C GLN A 186 13.97 -4.87 -1.01
N ALA A 187 12.95 -5.73 -0.91
CA ALA A 187 13.19 -7.11 -0.50
C ALA A 187 14.05 -7.85 -1.51
N VAL A 188 13.83 -7.58 -2.81
CA VAL A 188 14.63 -8.20 -3.85
C VAL A 188 16.08 -7.73 -3.75
N GLN A 189 16.28 -6.46 -3.40
CA GLN A 189 17.63 -5.99 -3.10
C GLN A 189 18.25 -6.82 -1.98
N GLY A 190 17.50 -7.02 -0.90
CA GLY A 190 17.99 -7.81 0.22
C GLY A 190 18.85 -7.00 1.16
N ARG A 191 18.83 -7.41 2.42
CA ARG A 191 19.60 -6.80 3.49
C ARG A 191 20.38 -7.87 4.21
N PRO A 192 21.46 -7.52 4.91
CA PRO A 192 22.27 -8.53 5.58
C PRO A 192 21.46 -9.32 6.60
N LEU A 193 21.85 -10.59 6.78
CA LEU A 193 21.18 -11.49 7.70
C LEU A 193 21.72 -11.24 9.11
N SER A 194 21.28 -10.13 9.70
CA SER A 194 21.76 -9.71 11.00
C SER A 194 21.13 -10.56 12.09
N CYS A 195 21.40 -10.20 13.36
CA CYS A 195 20.76 -10.88 14.47
C CYS A 195 19.37 -10.32 14.77
N ARG A 196 19.13 -9.06 14.40
CA ARG A 196 17.79 -8.50 14.55
C ARG A 196 16.79 -9.22 13.66
N TRP A 197 17.21 -9.58 12.44
CA TRP A 197 16.32 -10.30 11.52
C TRP A 197 15.92 -11.65 12.11
N LEU A 198 16.90 -12.43 12.56
CA LEU A 198 16.60 -13.74 13.11
C LEU A 198 15.80 -13.62 14.40
N GLN A 199 16.08 -12.59 15.21
CA GLN A 199 15.29 -12.35 16.40
C GLN A 199 13.83 -12.09 16.05
N LYS A 200 13.58 -11.25 15.04
CA LYS A 200 12.21 -10.96 14.64
C LYS A 200 11.51 -12.20 14.12
N VAL A 201 12.20 -12.99 13.29
CA VAL A 201 11.59 -14.18 12.72
C VAL A 201 11.24 -15.18 13.82
N ALA A 202 12.19 -15.44 14.72
CA ALA A 202 11.96 -16.41 15.78
C ALA A 202 10.84 -15.95 16.72
N ARG A 203 10.84 -14.66 17.07
CA ARG A 203 9.81 -14.15 17.96
C ARG A 203 8.44 -14.20 17.32
N SER A 204 8.35 -13.90 16.01
CA SER A 204 7.07 -13.97 15.34
C SER A 204 6.57 -15.40 15.24
N LEU A 205 7.46 -16.36 14.99
CA LEU A 205 7.04 -17.75 14.96
C LEU A 205 6.57 -18.22 16.33
N ALA A 206 7.27 -17.82 17.39
CA ALA A 206 6.85 -18.19 18.74
C ALA A 206 5.47 -17.64 19.06
N LEU A 207 5.24 -16.36 18.75
CA LEU A 207 3.94 -15.77 19.01
C LEU A 207 2.85 -16.38 18.15
N ALA A 208 3.17 -16.76 16.91
CA ALA A 208 2.19 -17.41 16.05
C ALA A 208 1.77 -18.74 16.65
N LEU A 209 2.73 -19.55 17.09
CA LEU A 209 2.37 -20.84 17.69
C LEU A 209 1.59 -20.65 18.98
N LEU A 210 1.96 -19.66 19.80
CA LEU A 210 1.24 -19.40 21.03
C LEU A 210 -0.21 -19.01 20.75
N CYS A 211 -0.42 -18.10 19.80
CA CYS A 211 -1.78 -17.68 19.48
C CYS A 211 -2.58 -18.81 18.84
N LEU A 212 -1.93 -19.66 18.04
CA LEU A 212 -2.63 -20.81 17.48
C LEU A 212 -3.13 -21.75 18.58
N VAL A 213 -2.24 -22.13 19.49
CA VAL A 213 -2.66 -23.07 20.53
C VAL A 213 -3.68 -22.43 21.47
N LEU A 214 -3.57 -21.12 21.72
CA LEU A 214 -4.59 -20.44 22.50
C LEU A 214 -5.94 -20.50 21.81
N SER A 215 -6.00 -20.07 20.54
CA SER A 215 -7.25 -20.07 19.80
C SER A 215 -7.87 -21.46 19.73
N THR A 216 -7.06 -22.51 19.64
CA THR A 216 -7.64 -23.83 19.45
C THR A 216 -7.94 -24.58 20.75
N CYS A 217 -7.23 -24.29 21.84
CA CYS A 217 -7.41 -25.02 23.09
C CYS A 217 -8.06 -24.18 24.19
N VAL A 218 -7.57 -22.97 24.41
CA VAL A 218 -7.97 -22.20 25.59
C VAL A 218 -9.15 -21.27 25.30
N GLY A 219 -9.33 -20.84 24.06
CA GLY A 219 -10.41 -19.95 23.71
C GLY A 219 -11.78 -20.53 23.97
N PRO A 220 -12.16 -21.55 23.21
CA PRO A 220 -13.51 -22.12 23.35
C PRO A 220 -13.77 -22.83 24.68
N TYR A 221 -12.80 -22.91 25.58
CA TYR A 221 -12.97 -23.68 26.80
C TYR A 221 -12.43 -22.92 28.01
N LEU A 222 -12.69 -21.62 28.09
CA LEU A 222 -12.18 -20.81 29.18
C LEU A 222 -13.21 -20.44 30.23
N PHE A 223 -14.46 -20.24 29.83
CA PHE A 223 -15.47 -19.77 30.79
C PHE A 223 -16.02 -20.87 31.70
N PRO A 224 -16.20 -22.11 31.23
CA PRO A 224 -16.51 -23.18 32.19
C PRO A 224 -15.29 -23.62 32.99
N TYR A 225 -14.13 -23.77 32.35
CA TYR A 225 -12.98 -24.42 32.97
C TYR A 225 -11.95 -23.43 33.49
N PHE A 226 -11.40 -22.57 32.63
CA PHE A 226 -10.31 -21.69 33.05
C PHE A 226 -10.79 -20.65 34.05
N ILE A 227 -12.04 -20.21 33.93
CA ILE A 227 -12.68 -19.33 34.89
C ILE A 227 -13.82 -20.13 35.53
N PRO A 228 -13.98 -20.10 36.85
CA PRO A 228 -15.04 -20.92 37.47
C PRO A 228 -16.44 -20.34 37.29
N LEU A 229 -16.58 -19.35 36.41
CA LEU A 229 -17.82 -18.58 36.29
C LEU A 229 -19.01 -19.46 35.93
N ASN A 230 -18.98 -20.08 34.75
CA ASN A 230 -20.14 -20.83 34.28
C ASN A 230 -19.96 -22.33 34.46
N ALA A 242 -25.86 -20.31 28.73
CA ALA A 242 -25.43 -18.93 28.51
C ALA A 242 -25.27 -18.64 27.02
N ARG A 243 -25.79 -17.50 26.57
CA ARG A 243 -25.71 -17.12 25.18
C ARG A 243 -24.68 -16.03 24.91
N TRP A 244 -24.23 -15.31 25.93
CA TRP A 244 -23.20 -14.30 25.75
C TRP A 244 -21.82 -14.77 26.18
N LEU A 245 -21.75 -15.70 27.14
CA LEU A 245 -20.46 -16.31 27.46
C LEU A 245 -19.92 -17.09 26.26
N ARG A 246 -20.79 -17.83 25.57
CA ARG A 246 -20.37 -18.50 24.35
C ARG A 246 -20.02 -17.50 23.26
N ALA A 247 -20.72 -16.37 23.21
CA ALA A 247 -20.39 -15.34 22.23
C ALA A 247 -18.98 -14.81 22.45
N TYR A 248 -18.63 -14.51 23.70
CA TYR A 248 -17.29 -14.03 23.99
C TYR A 248 -16.25 -15.11 23.74
N GLU A 249 -16.58 -16.36 24.07
CA GLU A 249 -15.66 -17.47 23.80
C GLU A 249 -15.35 -17.57 22.32
N SER A 250 -16.39 -17.59 21.48
CA SER A 250 -16.20 -17.70 20.04
C SER A 250 -15.46 -16.48 19.49
N ALA A 251 -15.79 -15.29 19.99
CA ALA A 251 -15.11 -14.08 19.54
C ALA A 251 -13.63 -14.16 19.85
N VAL A 252 -13.26 -14.57 21.07
CA VAL A 252 -11.86 -14.62 21.44
C VAL A 252 -11.14 -15.72 20.65
N SER A 253 -11.81 -16.84 20.41
CA SER A 253 -11.20 -17.91 19.63
C SER A 253 -10.89 -17.44 18.21
N PHE A 254 -11.85 -16.76 17.57
CA PHE A 254 -11.62 -16.26 16.22
C PHE A 254 -10.55 -15.17 16.22
N HIS A 255 -10.57 -14.28 17.21
CA HIS A 255 -9.56 -13.23 17.29
C HIS A 255 -8.17 -13.82 17.42
N PHE A 256 -8.01 -14.86 18.22
CA PHE A 256 -6.69 -15.43 18.40
C PHE A 256 -6.26 -16.28 17.21
N SER A 257 -7.22 -16.91 16.51
CA SER A 257 -6.88 -17.54 15.23
C SER A 257 -6.34 -16.50 14.25
N ASN A 258 -6.99 -15.33 14.19
CA ASN A 258 -6.50 -14.29 13.30
C ASN A 258 -5.17 -13.72 13.74
N TYR A 259 -4.92 -13.66 15.06
CA TYR A 259 -3.60 -13.21 15.52
C TYR A 259 -2.53 -14.22 15.16
N PHE A 260 -2.85 -15.52 15.24
CA PHE A 260 -1.93 -16.54 14.77
C PHE A 260 -1.61 -16.33 13.29
N VAL A 261 -2.64 -16.13 12.47
CA VAL A 261 -2.42 -15.92 11.04
C VAL A 261 -1.55 -14.68 10.81
N GLY A 262 -1.81 -13.62 11.56
CA GLY A 262 -1.03 -12.39 11.39
C GLY A 262 0.43 -12.56 11.78
N PHE A 263 0.68 -13.18 12.92
CA PHE A 263 2.06 -13.39 13.36
C PHE A 263 2.81 -14.31 12.42
N LEU A 264 2.13 -15.36 11.92
CA LEU A 264 2.78 -16.24 10.95
C LEU A 264 3.05 -15.50 9.64
N SER A 265 2.13 -14.64 9.22
CA SER A 265 2.31 -13.90 7.99
C SER A 265 3.50 -12.95 8.09
N GLU A 266 3.64 -12.26 9.23
CA GLU A 266 4.79 -11.37 9.37
C GLU A 266 6.07 -12.17 9.58
N ALA A 267 5.98 -13.37 10.16
CA ALA A 267 7.14 -14.24 10.25
C ALA A 267 7.65 -14.62 8.87
N THR A 268 6.74 -15.03 7.98
CA THR A 268 7.16 -15.43 6.64
C THR A 268 7.62 -14.22 5.82
N ALA A 269 6.98 -13.07 6.00
CA ALA A 269 7.39 -11.88 5.25
C ALA A 269 8.72 -11.34 5.72
N THR A 270 9.09 -11.57 6.99
CA THR A 270 10.42 -11.19 7.45
C THR A 270 11.45 -12.27 7.14
N LEU A 271 11.01 -13.52 7.03
CA LEU A 271 11.92 -14.60 6.66
C LEU A 271 12.31 -14.52 5.20
N ALA A 272 11.39 -14.08 4.33
CA ALA A 272 11.72 -13.96 2.91
C ALA A 272 12.58 -12.75 2.62
N GLY A 273 12.58 -11.74 3.48
CA GLY A 273 13.41 -10.57 3.28
C GLY A 273 12.67 -9.26 3.40
N ALA A 274 11.37 -9.27 3.12
CA ALA A 274 10.58 -8.05 3.11
C ALA A 274 10.27 -7.61 4.54
N GLY A 275 9.44 -6.57 4.66
CA GLY A 275 9.04 -6.09 5.96
C GLY A 275 10.15 -5.45 6.78
N PHE A 276 10.78 -4.42 6.24
CA PHE A 276 11.72 -3.61 7.00
C PHE A 276 11.54 -2.14 6.61
N THR A 277 12.03 -1.26 7.47
CA THR A 277 11.98 0.18 7.23
C THR A 277 13.38 0.74 7.42
N GLU A 278 14.07 1.00 6.32
CA GLU A 278 15.42 1.55 6.36
C GLU A 278 15.32 3.07 6.29
N GLU A 279 15.64 3.73 7.41
CA GLU A 279 15.63 5.18 7.49
C GLU A 279 16.88 5.64 8.22
N LYS A 280 17.57 6.63 7.67
CA LYS A 280 18.78 7.19 8.27
C LYS A 280 19.85 6.12 8.42
N ASP A 281 19.88 5.17 7.49
CA ASP A 281 20.80 4.03 7.52
C ASP A 281 20.64 3.23 8.82
N HIS A 282 19.40 3.16 9.30
CA HIS A 282 19.04 2.37 10.48
C HIS A 282 17.97 1.37 10.06
N LEU A 283 18.28 0.08 10.20
CA LEU A 283 17.44 -0.99 9.68
C LEU A 283 16.70 -1.66 10.82
N GLU A 284 15.40 -1.44 10.90
CA GLU A 284 14.55 -2.03 11.93
C GLU A 284 13.54 -2.95 11.26
N TRP A 285 13.62 -4.24 11.57
CA TRP A 285 12.67 -5.23 11.06
C TRP A 285 11.39 -5.08 11.88
N ASP A 286 10.51 -4.18 11.45
CA ASP A 286 9.36 -3.78 12.24
C ASP A 286 8.06 -3.90 11.46
N LEU A 287 7.87 -5.02 10.75
CA LEU A 287 6.60 -5.30 10.12
C LEU A 287 5.64 -5.84 11.17
N THR A 288 4.54 -5.12 11.39
CA THR A 288 3.50 -5.55 12.31
C THR A 288 2.19 -5.67 11.56
N VAL A 289 1.51 -6.79 11.72
CA VAL A 289 0.27 -7.08 11.01
C VAL A 289 -0.95 -6.88 11.89
N SER A 290 -0.91 -7.38 13.12
CA SER A 290 -2.00 -7.21 14.07
C SER A 290 -1.45 -6.76 15.41
N LYS A 291 -2.32 -6.14 16.19
CA LYS A 291 -1.98 -5.70 17.55
C LYS A 291 -2.98 -6.32 18.53
N PRO A 292 -2.64 -7.45 19.16
CA PRO A 292 -3.61 -8.12 20.03
C PRO A 292 -4.04 -7.30 21.23
N LEU A 293 -3.20 -6.42 21.75
CA LEU A 293 -3.56 -5.68 22.94
C LEU A 293 -4.48 -4.50 22.65
N ASN A 294 -4.68 -4.14 21.38
CA ASN A 294 -5.57 -3.06 21.01
C ASN A 294 -6.94 -3.54 20.57
N VAL A 295 -7.10 -4.83 20.32
CA VAL A 295 -8.37 -5.38 19.83
C VAL A 295 -9.06 -6.13 20.96
N GLU A 296 -8.29 -6.65 21.90
CA GLU A 296 -8.85 -7.38 23.03
C GLU A 296 -9.25 -6.44 24.17
N LEU A 297 -8.47 -5.41 24.43
CA LEU A 297 -8.77 -4.39 25.43
C LEU A 297 -8.94 -3.05 24.70
N PRO A 298 -10.04 -2.89 23.97
CA PRO A 298 -10.15 -1.76 23.05
C PRO A 298 -10.50 -0.45 23.73
N ARG A 299 -10.20 0.64 23.04
CA ARG A 299 -10.65 1.97 23.40
C ARG A 299 -11.89 2.39 22.62
N SER A 300 -11.98 1.98 21.35
CA SER A 300 -13.10 2.32 20.50
C SER A 300 -13.06 1.42 19.27
N MET A 301 -14.22 1.26 18.64
CA MET A 301 -14.32 0.36 17.49
C MET A 301 -13.46 0.83 16.33
N VAL A 302 -13.17 2.13 16.24
CA VAL A 302 -12.25 2.61 15.23
C VAL A 302 -10.86 2.05 15.47
N GLU A 303 -10.44 2.01 16.74
CA GLU A 303 -9.16 1.41 17.08
C GLU A 303 -9.16 -0.09 16.82
N VAL A 304 -10.28 -0.77 17.04
CA VAL A 304 -10.36 -2.20 16.75
C VAL A 304 -10.20 -2.45 15.26
N VAL A 305 -10.93 -1.71 14.43
CA VAL A 305 -10.81 -1.89 12.99
C VAL A 305 -9.42 -1.53 12.51
N THR A 306 -8.79 -0.54 13.12
CA THR A 306 -7.44 -0.15 12.71
C THR A 306 -6.42 -1.22 13.10
N SER A 307 -6.49 -1.74 14.32
CA SER A 307 -5.48 -2.65 14.84
C SER A 307 -5.77 -4.12 14.55
N TRP A 308 -6.90 -4.43 13.92
CA TRP A 308 -7.21 -5.82 13.60
C TRP A 308 -6.22 -6.36 12.58
N ASN A 309 -6.17 -5.75 11.41
CA ASN A 309 -5.21 -6.10 10.36
C ASN A 309 -4.62 -4.78 9.87
N LEU A 310 -3.35 -4.55 10.16
CA LEU A 310 -2.77 -3.23 9.91
C LEU A 310 -2.44 -3.01 8.44
N PRO A 311 -1.83 -3.97 7.72
CA PRO A 311 -1.63 -3.73 6.28
C PRO A 311 -2.92 -3.68 5.50
N MET A 312 -3.90 -4.51 5.84
CA MET A 312 -5.19 -4.45 5.17
C MET A 312 -5.90 -3.14 5.47
N SER A 313 -5.80 -2.65 6.70
CA SER A 313 -6.37 -1.36 7.04
C SER A 313 -5.69 -0.24 6.28
N TYR A 314 -4.36 -0.30 6.14
CA TYR A 314 -3.65 0.71 5.36
C TYR A 314 -4.09 0.68 3.91
N TRP A 315 -4.16 -0.51 3.31
CA TRP A 315 -4.60 -0.62 1.92
C TRP A 315 -5.99 -0.02 1.74
N LEU A 316 -6.96 -0.51 2.54
CA LEU A 316 -8.32 0.00 2.45
C LEU A 316 -8.37 1.50 2.62
N ASN A 317 -7.94 1.99 3.79
CA ASN A 317 -7.91 3.42 4.07
C ASN A 317 -7.31 4.19 2.89
N ASN A 318 -6.03 3.96 2.60
CA ASN A 318 -5.33 4.74 1.60
C ASN A 318 -6.08 4.69 0.28
N TYR A 319 -6.12 3.52 -0.36
CA TYR A 319 -6.64 3.49 -1.73
C TYR A 319 -8.13 3.85 -1.77
N VAL A 320 -8.98 3.05 -1.12
CA VAL A 320 -10.42 3.23 -1.28
C VAL A 320 -10.86 4.55 -0.66
N PHE A 321 -10.46 4.80 0.60
CA PHE A 321 -10.95 5.99 1.29
C PHE A 321 -10.43 7.27 0.65
N LYS A 322 -9.13 7.33 0.30
CA LYS A 322 -8.62 8.53 -0.32
C LYS A 322 -9.21 8.73 -1.71
N ASN A 323 -9.56 7.65 -2.41
CA ASN A 323 -10.19 7.82 -3.71
C ASN A 323 -11.64 8.27 -3.61
N ALA A 324 -12.37 7.83 -2.60
CA ALA A 324 -13.81 8.08 -2.52
C ALA A 324 -14.18 9.10 -1.45
N LEU A 325 -13.21 9.78 -0.84
CA LEU A 325 -13.53 10.81 0.14
C LEU A 325 -14.23 12.00 -0.48
N ARG A 326 -14.15 12.16 -1.80
CA ARG A 326 -14.79 13.31 -2.45
C ARG A 326 -16.30 13.27 -2.32
N LEU A 327 -16.89 12.13 -1.98
CA LEU A 327 -18.34 11.99 -1.87
C LEU A 327 -18.84 12.12 -0.44
N GLY A 328 -18.10 12.78 0.44
CA GLY A 328 -18.51 12.87 1.82
C GLY A 328 -17.99 11.71 2.65
N THR A 329 -17.78 11.97 3.94
CA THR A 329 -17.11 10.98 4.78
C THR A 329 -17.96 9.73 4.98
N PHE A 330 -19.28 9.87 5.08
CA PHE A 330 -20.12 8.72 5.34
C PHE A 330 -20.19 7.80 4.12
N SER A 331 -20.44 8.36 2.95
CA SER A 331 -20.41 7.56 1.73
C SER A 331 -19.01 7.00 1.47
N ALA A 332 -17.97 7.74 1.86
CA ALA A 332 -16.61 7.25 1.70
C ALA A 332 -16.36 6.00 2.54
N VAL A 333 -16.72 6.04 3.83
CA VAL A 333 -16.52 4.86 4.67
C VAL A 333 -17.46 3.74 4.26
N LEU A 334 -18.65 4.07 3.77
CA LEU A 334 -19.57 3.03 3.32
C LEU A 334 -19.01 2.28 2.12
N VAL A 335 -18.47 3.01 1.15
CA VAL A 335 -17.91 2.34 -0.02
C VAL A 335 -16.57 1.69 0.32
N THR A 336 -15.86 2.20 1.34
CA THR A 336 -14.69 1.50 1.85
C THR A 336 -15.07 0.12 2.36
N TYR A 337 -16.12 0.04 3.18
CA TYR A 337 -16.53 -1.26 3.69
C TYR A 337 -17.16 -2.12 2.59
N ALA A 338 -17.78 -1.49 1.59
CA ALA A 338 -18.28 -2.24 0.45
C ALA A 338 -17.13 -2.91 -0.31
N ALA A 339 -16.06 -2.17 -0.57
CA ALA A 339 -14.89 -2.75 -1.22
C ALA A 339 -14.23 -3.78 -0.34
N SER A 340 -14.26 -3.60 0.98
CA SER A 340 -13.69 -4.60 1.88
C SER A 340 -14.49 -5.90 1.82
N ALA A 341 -15.81 -5.81 1.77
CA ALA A 341 -16.64 -7.01 1.64
C ALA A 341 -16.51 -7.62 0.25
N LEU A 342 -16.20 -6.82 -0.76
CA LEU A 342 -16.06 -7.34 -2.12
C LEU A 342 -14.72 -8.02 -2.33
N LEU A 343 -13.66 -7.54 -1.67
CA LEU A 343 -12.36 -8.21 -1.76
C LEU A 343 -12.47 -9.66 -1.31
N HIS A 344 -13.31 -9.93 -0.32
CA HIS A 344 -13.50 -11.29 0.15
C HIS A 344 -14.36 -12.11 -0.80
N GLY A 345 -15.00 -11.47 -1.77
CA GLY A 345 -15.99 -12.15 -2.57
C GLY A 345 -17.31 -12.15 -1.83
N PHE A 346 -18.41 -11.79 -2.50
CA PHE A 346 -19.66 -11.58 -1.79
C PHE A 346 -20.14 -12.87 -1.13
N SER A 347 -20.08 -12.91 0.19
CA SER A 347 -20.57 -14.02 0.98
C SER A 347 -21.17 -13.47 2.26
N PHE A 348 -22.36 -13.96 2.61
CA PHE A 348 -23.01 -13.50 3.82
C PHE A 348 -22.17 -13.89 5.05
N HIS A 349 -22.49 -13.28 6.18
CA HIS A 349 -21.76 -13.39 7.45
C HIS A 349 -20.40 -12.71 7.35
N LEU A 350 -20.05 -12.25 6.16
CA LEU A 350 -18.83 -11.49 5.93
C LEU A 350 -19.08 -10.14 5.30
N ALA A 351 -20.26 -9.90 4.74
CA ALA A 351 -20.68 -8.56 4.34
C ALA A 351 -21.65 -7.95 5.32
N ALA A 352 -22.51 -8.76 5.94
CA ALA A 352 -23.36 -8.26 7.01
C ALA A 352 -22.54 -7.79 8.19
N VAL A 353 -21.56 -8.60 8.60
CA VAL A 353 -20.67 -8.20 9.69
C VAL A 353 -19.93 -6.91 9.34
N LEU A 354 -19.44 -6.80 8.11
CA LEU A 354 -18.64 -5.64 7.74
C LEU A 354 -19.51 -4.38 7.65
N LEU A 355 -20.75 -4.51 7.19
CA LEU A 355 -21.62 -3.33 7.17
C LEU A 355 -22.04 -2.94 8.57
N SER A 356 -22.28 -3.92 9.45
CA SER A 356 -22.54 -3.61 10.85
C SER A 356 -21.35 -2.91 11.47
N LEU A 357 -20.13 -3.32 11.11
CA LEU A 357 -18.94 -2.63 11.59
C LEU A 357 -18.89 -1.20 11.07
N ALA A 358 -19.19 -1.00 9.80
CA ALA A 358 -19.25 0.35 9.24
C ALA A 358 -20.15 1.23 10.08
N PHE A 359 -21.39 0.79 10.29
CA PHE A 359 -22.34 1.58 11.06
C PHE A 359 -21.87 1.79 12.50
N ILE A 360 -21.30 0.74 13.10
CA ILE A 360 -20.91 0.83 14.51
C ILE A 360 -19.77 1.83 14.69
N THR A 361 -18.72 1.71 13.89
CA THR A 361 -17.61 2.66 14.00
C THR A 361 -18.05 4.07 13.67
N TYR A 362 -18.90 4.24 12.64
CA TYR A 362 -19.38 5.58 12.32
C TYR A 362 -20.13 6.20 13.49
N VAL A 363 -21.14 5.50 14.00
CA VAL A 363 -21.95 6.05 15.09
C VAL A 363 -21.11 6.26 16.33
N GLU A 364 -20.16 5.35 16.60
CA GLU A 364 -19.36 5.49 17.81
C GLU A 364 -18.42 6.69 17.72
N HIS A 365 -17.72 6.84 16.60
CA HIS A 365 -16.83 7.98 16.44
C HIS A 365 -17.61 9.29 16.47
N VAL A 366 -18.80 9.31 15.87
CA VAL A 366 -19.61 10.51 15.87
C VAL A 366 -20.08 10.85 17.27
N LEU A 367 -20.51 9.85 18.04
CA LEU A 367 -20.96 10.11 19.41
C LEU A 367 -19.79 10.53 20.30
N ARG A 368 -18.61 9.95 20.09
CA ARG A 368 -17.44 10.37 20.85
C ARG A 368 -17.09 11.81 20.54
N LYS A 369 -17.12 12.20 19.27
CA LYS A 369 -16.83 13.59 18.93
C LYS A 369 -17.88 14.54 19.51
N ARG A 370 -19.15 14.13 19.49
CA ARG A 370 -20.20 15.00 20.02
C ARG A 370 -20.05 15.18 21.53
N LEU A 371 -19.75 14.10 22.26
CA LEU A 371 -19.55 14.24 23.71
C LEU A 371 -18.28 15.00 24.03
N ALA A 372 -17.21 14.80 23.27
CA ALA A 372 -15.99 15.54 23.49
C ALA A 372 -16.14 17.02 23.10
N ARG A 373 -17.14 17.35 22.29
CA ARG A 373 -17.42 18.75 22.01
C ARG A 373 -18.28 19.36 23.10
N ILE A 374 -19.38 18.71 23.46
CA ILE A 374 -20.31 19.29 24.45
C ILE A 374 -19.66 19.34 25.83
N LEU A 375 -18.71 18.45 26.11
CA LEU A 375 -18.08 18.39 27.42
C LEU A 375 -16.61 18.82 27.40
N SER A 376 -16.02 19.02 26.21
CA SER A 376 -14.62 19.42 26.08
C SER A 376 -13.69 18.47 26.81
N ALA A 377 -14.07 17.19 26.88
CA ALA A 377 -13.30 16.18 27.59
C ALA A 377 -12.48 15.36 26.60
N CYS A 378 -11.63 14.49 27.15
CA CYS A 378 -10.76 13.63 26.34
C CYS A 378 -11.41 12.27 26.13
N VAL A 379 -12.59 12.29 25.52
CA VAL A 379 -13.36 11.07 25.28
C VAL A 379 -13.48 10.84 23.78
N LEU A 380 -12.46 11.24 23.03
CA LEU A 380 -12.45 10.99 21.60
C LEU A 380 -12.17 9.52 21.32
N SER A 381 -12.45 9.10 20.08
CA SER A 381 -12.24 7.72 19.69
C SER A 381 -10.76 7.33 19.68
N LYS A 382 -9.86 8.31 19.69
CA LYS A 382 -8.43 8.06 19.81
C LYS A 382 -7.86 9.01 20.84
N ARG A 383 -6.84 8.54 21.56
CA ARG A 383 -6.22 9.34 22.61
C ARG A 383 -5.75 10.67 22.04
N CYS A 384 -6.04 11.75 22.78
CA CYS A 384 -5.80 13.09 22.26
C CYS A 384 -4.31 13.40 22.22
N PRO A 385 -3.84 14.11 21.19
CA PRO A 385 -2.46 14.61 21.19
C PRO A 385 -2.28 15.65 22.29
N PRO A 386 -1.03 15.92 22.69
CA PRO A 386 -0.80 16.83 23.83
C PRO A 386 -1.23 18.27 23.58
N ASP A 387 -1.61 18.64 22.36
CA ASP A 387 -1.95 20.02 22.04
C ASP A 387 -3.44 20.31 22.13
N CYS A 388 -4.26 19.33 22.49
CA CYS A 388 -5.71 19.53 22.53
C CYS A 388 -6.10 20.39 23.72
N SER A 389 -7.08 21.26 23.50
CA SER A 389 -7.56 22.21 24.50
C SER A 389 -8.65 21.63 25.38
N HIS A 390 -8.71 20.30 25.51
CA HIS A 390 -9.76 19.68 26.30
C HIS A 390 -9.60 20.03 27.78
N GLN A 391 -10.73 20.21 28.46
CA GLN A 391 -10.69 20.64 29.86
C GLN A 391 -10.34 19.48 30.79
N HIS A 392 -10.89 18.29 30.51
CA HIS A 392 -10.67 17.12 31.36
C HIS A 392 -9.65 16.21 30.66
N ARG A 393 -8.37 16.48 30.88
CA ARG A 393 -7.34 15.59 30.37
C ARG A 393 -7.29 14.29 31.18
N LEU A 394 -7.60 14.37 32.48
CA LEU A 394 -7.60 13.21 33.35
C LEU A 394 -8.78 13.35 34.30
N GLY A 395 -8.79 12.52 35.34
CA GLY A 395 -9.88 12.54 36.30
C GLY A 395 -10.60 11.22 36.38
N LEU A 396 -11.84 11.23 36.88
CA LEU A 396 -12.64 10.01 36.96
C LEU A 396 -13.69 9.92 35.86
N GLY A 397 -14.28 11.06 35.47
CA GLY A 397 -15.30 11.03 34.42
C GLY A 397 -14.74 10.53 33.10
N VAL A 398 -13.54 10.99 32.73
CA VAL A 398 -12.97 10.59 31.46
C VAL A 398 -12.59 9.11 31.47
N ARG A 399 -11.99 8.64 32.56
CA ARG A 399 -11.61 7.23 32.64
C ARG A 399 -12.84 6.33 32.72
N ALA A 400 -13.86 6.74 33.47
CA ALA A 400 -15.08 5.94 33.55
C ALA A 400 -15.80 5.88 32.21
N LEU A 401 -15.87 7.01 31.50
CA LEU A 401 -16.54 7.01 30.20
C LEU A 401 -15.74 6.21 29.17
N ASN A 402 -14.41 6.28 29.24
CA ASN A 402 -13.59 5.46 28.35
C ASN A 402 -13.77 3.97 28.64
N LEU A 403 -13.87 3.61 29.92
CA LEU A 403 -14.13 2.21 30.26
C LEU A 403 -15.51 1.77 29.79
N LEU A 404 -16.50 2.66 29.89
CA LEU A 404 -17.84 2.33 29.39
C LEU A 404 -17.81 2.07 27.89
N PHE A 405 -17.16 2.95 27.14
CA PHE A 405 -17.09 2.76 25.69
C PHE A 405 -16.24 1.55 25.32
N GLY A 406 -15.23 1.23 26.11
CA GLY A 406 -14.48 0.00 25.87
C GLY A 406 -15.32 -1.24 26.12
N ALA A 407 -16.16 -1.20 27.16
CA ALA A 407 -17.08 -2.31 27.38
C ALA A 407 -18.08 -2.45 26.25
N LEU A 408 -18.55 -1.32 25.72
CA LEU A 408 -19.44 -1.37 24.56
C LEU A 408 -18.72 -1.96 23.34
N ALA A 409 -17.44 -1.62 23.17
CA ALA A 409 -16.68 -2.18 22.05
C ALA A 409 -16.49 -3.69 22.22
N ILE A 410 -16.21 -4.14 23.44
CA ILE A 410 -16.09 -5.58 23.70
C ILE A 410 -17.41 -6.28 23.44
N PHE A 411 -18.52 -5.63 23.82
CA PHE A 411 -19.84 -6.20 23.59
C PHE A 411 -20.11 -6.35 22.09
N HIS A 412 -19.81 -5.30 21.31
CA HIS A 412 -20.00 -5.39 19.87
C HIS A 412 -19.10 -6.46 19.26
N LEU A 413 -17.87 -6.57 19.74
CA LEU A 413 -16.95 -7.57 19.19
C LEU A 413 -17.43 -8.98 19.49
N ALA A 414 -17.90 -9.22 20.71
CA ALA A 414 -18.42 -10.55 21.06
C ALA A 414 -19.67 -10.87 20.25
N TYR A 415 -20.58 -9.90 20.11
CA TYR A 415 -21.78 -10.10 19.32
C TYR A 415 -21.44 -10.48 17.88
N LEU A 416 -20.55 -9.70 17.24
CA LEU A 416 -20.21 -9.97 15.86
C LEU A 416 -19.45 -11.29 15.71
N GLY A 417 -18.55 -11.60 16.64
CA GLY A 417 -17.81 -12.84 16.57
C GLY A 417 -18.55 -14.08 17.00
N SER A 418 -19.77 -13.92 17.54
CA SER A 418 -20.59 -15.08 17.85
C SER A 418 -20.90 -15.93 16.62
N LEU A 419 -20.74 -15.39 15.42
CA LEU A 419 -20.96 -16.13 14.18
C LEU A 419 -19.96 -17.27 13.99
N PHE A 420 -18.90 -17.31 14.77
CA PHE A 420 -17.82 -18.27 14.60
C PHE A 420 -17.83 -19.31 15.72
N ASP A 421 -19.02 -19.76 16.08
CA ASP A 421 -19.17 -20.78 17.12
C ASP A 421 -18.35 -22.02 16.79
N VAL A 422 -17.89 -22.70 17.84
CA VAL A 422 -17.09 -23.91 17.68
C VAL A 422 -17.81 -25.10 18.31
N TYR A 433 -22.12 -17.75 6.67
CA TYR A 433 -22.42 -18.91 5.84
C TYR A 433 -23.86 -18.81 5.38
N GLY A 434 -24.72 -19.66 5.92
CA GLY A 434 -26.14 -19.55 5.66
C GLY A 434 -26.70 -18.28 6.30
N MET A 435 -27.41 -17.48 5.49
CA MET A 435 -28.06 -16.29 6.04
C MET A 435 -28.98 -16.66 7.19
N ALA A 436 -29.69 -17.78 7.07
CA ALA A 436 -30.53 -18.25 8.17
C ALA A 436 -29.72 -18.50 9.42
N TYR A 437 -28.48 -19.00 9.26
CA TYR A 437 -27.62 -19.23 10.42
C TYR A 437 -27.28 -17.92 11.12
N THR A 438 -26.98 -16.88 10.34
CA THR A 438 -26.65 -15.59 10.93
C THR A 438 -27.85 -14.97 11.64
N VAL A 439 -29.01 -15.00 10.99
CA VAL A 439 -30.21 -14.46 11.61
C VAL A 439 -30.55 -15.25 12.87
N HIS A 440 -30.34 -16.57 12.85
CA HIS A 440 -30.58 -17.39 14.03
C HIS A 440 -29.65 -16.99 15.16
N LYS A 441 -28.35 -16.87 14.87
CA LYS A 441 -27.39 -16.49 15.90
C LYS A 441 -27.76 -15.15 16.52
N TRP A 442 -27.99 -14.13 15.69
CA TRP A 442 -28.26 -12.80 16.23
C TRP A 442 -29.62 -12.72 16.89
N SER A 443 -30.58 -13.55 16.48
CA SER A 443 -31.89 -13.56 17.14
C SER A 443 -31.80 -14.21 18.51
N GLU A 444 -31.08 -15.32 18.62
CA GLU A 444 -30.83 -15.92 19.93
C GLU A 444 -29.92 -15.06 20.78
N LEU A 445 -29.21 -14.09 20.19
CA LEU A 445 -28.54 -13.05 20.95
C LEU A 445 -29.39 -11.78 21.06
N SER A 446 -30.60 -11.79 20.51
CA SER A 446 -31.60 -10.75 20.70
C SER A 446 -31.22 -9.42 20.04
N TRP A 447 -30.39 -9.46 19.00
CA TRP A 447 -30.07 -8.29 18.17
C TRP A 447 -29.54 -7.11 18.98
N ALA A 448 -29.03 -7.36 20.19
CA ALA A 448 -28.76 -6.28 21.12
C ALA A 448 -27.75 -5.27 20.56
N SER A 449 -26.84 -5.70 19.69
CA SER A 449 -25.82 -4.80 19.18
C SER A 449 -26.43 -3.76 18.24
N HIS A 450 -27.30 -4.19 17.33
CA HIS A 450 -27.93 -3.24 16.42
C HIS A 450 -28.85 -2.29 17.18
N TRP A 451 -29.55 -2.80 18.20
CA TRP A 451 -30.35 -1.92 19.03
C TRP A 451 -29.49 -0.89 19.75
N VAL A 452 -28.32 -1.32 20.24
CA VAL A 452 -27.42 -0.39 20.93
C VAL A 452 -26.89 0.66 19.96
N THR A 453 -26.56 0.25 18.74
CA THR A 453 -26.06 1.20 17.75
C THR A 453 -27.14 2.22 17.37
N PHE A 454 -28.37 1.75 17.16
CA PHE A 454 -29.46 2.66 16.85
C PHE A 454 -29.75 3.60 18.02
N GLY A 455 -29.66 3.08 19.25
CA GLY A 455 -29.86 3.95 20.40
C GLY A 455 -28.78 5.01 20.52
N CYS A 456 -27.52 4.63 20.24
CA CYS A 456 -26.44 5.61 20.26
C CYS A 456 -26.62 6.65 19.17
N TRP A 457 -27.12 6.24 17.99
CA TRP A 457 -27.38 7.22 16.94
C TRP A 457 -28.49 8.18 17.33
N ILE A 458 -29.56 7.66 17.94
CA ILE A 458 -30.64 8.53 18.40
C ILE A 458 -30.13 9.47 19.49
N PHE A 459 -29.27 8.97 20.38
CA PHE A 459 -28.70 9.83 21.41
C PHE A 459 -27.85 10.94 20.80
N TYR A 460 -27.04 10.62 19.79
CA TYR A 460 -26.28 11.64 19.09
C TYR A 460 -27.20 12.67 18.45
N ARG A 461 -28.30 12.21 17.85
CA ARG A 461 -29.26 13.15 17.26
C ARG A 461 -29.83 14.08 18.31
N LEU A 462 -30.14 13.56 19.49
CA LEU A 462 -30.74 14.38 20.53
C LEU A 462 -29.73 15.35 21.16
N ILE A 463 -28.47 14.95 21.27
CA ILE A 463 -27.47 15.84 21.87
C ILE A 463 -27.14 16.99 20.94
N GLY A 464 -26.63 16.69 19.76
CA GLY A 464 -26.21 17.71 18.81
C GLY A 464 -27.31 18.65 18.36
N ASP B 21 16.03 10.95 0.31
CA ASP B 21 15.63 10.40 -0.97
C ASP B 21 16.83 9.95 -1.79
N ILE B 22 16.69 9.97 -3.11
CA ILE B 22 17.73 9.46 -4.01
C ILE B 22 18.51 10.64 -4.58
N HIS B 23 19.83 10.58 -4.45
CA HIS B 23 20.72 11.64 -4.93
C HIS B 23 21.43 11.19 -6.20
N MET B 24 21.50 12.07 -7.17
CA MET B 24 22.06 11.77 -8.49
C MET B 24 23.34 12.57 -8.68
N THR B 25 24.48 11.95 -8.38
CA THR B 25 25.78 12.58 -8.63
C THR B 25 26.15 12.34 -10.09
N GLN B 26 26.34 13.42 -10.84
CA GLN B 26 26.61 13.34 -12.27
C GLN B 26 27.92 14.05 -12.58
N SER B 27 28.78 13.39 -13.34
CA SER B 27 30.09 13.90 -13.69
C SER B 27 30.38 13.60 -15.16
N PRO B 28 31.11 14.47 -15.85
CA PRO B 28 31.67 15.72 -15.34
C PRO B 28 30.68 16.87 -15.36
N ALA B 29 30.94 17.91 -14.56
CA ALA B 29 30.07 19.08 -14.56
C ALA B 29 30.22 19.93 -15.81
N SER B 30 31.32 19.75 -16.54
CA SER B 30 31.54 20.45 -17.80
C SER B 30 32.41 19.58 -18.69
N LEU B 31 32.28 19.78 -20.00
CA LEU B 31 32.98 18.93 -20.96
C LEU B 31 33.16 19.69 -22.26
N SER B 32 34.36 19.67 -22.81
CA SER B 32 34.67 20.28 -24.08
C SER B 32 35.14 19.21 -25.06
N ALA B 33 34.73 19.36 -26.32
CA ALA B 33 35.07 18.39 -27.35
C ALA B 33 35.01 19.09 -28.70
N PHE B 34 35.21 18.31 -29.76
CA PHE B 34 35.17 18.78 -31.13
C PHE B 34 33.96 18.20 -31.84
N VAL B 35 33.85 18.49 -33.13
CA VAL B 35 32.80 17.91 -33.96
C VAL B 35 33.26 16.54 -34.45
N GLY B 36 32.49 15.51 -34.08
CA GLY B 36 32.84 14.15 -34.45
C GLY B 36 33.58 13.36 -33.39
N GLU B 37 33.92 13.98 -32.26
CA GLU B 37 34.60 13.28 -31.19
C GLU B 37 33.61 12.39 -30.44
N THR B 38 34.12 11.60 -29.49
CA THR B 38 33.32 10.70 -28.69
C THR B 38 33.40 11.12 -27.23
N VAL B 39 32.25 11.24 -26.58
CA VAL B 39 32.16 11.70 -25.21
C VAL B 39 31.26 10.75 -24.43
N THR B 40 31.44 10.77 -23.10
CA THR B 40 30.68 9.90 -22.21
C THR B 40 30.38 10.66 -20.93
N ILE B 41 29.11 10.63 -20.53
CA ILE B 41 28.64 11.29 -19.32
C ILE B 41 28.16 10.23 -18.34
N THR B 42 28.51 10.39 -17.07
CA THR B 42 28.19 9.42 -16.03
C THR B 42 27.22 10.03 -15.03
N CYS B 43 26.34 9.19 -14.50
CA CYS B 43 25.34 9.63 -13.50
C CYS B 43 25.27 8.55 -12.42
N ARG B 44 26.08 8.70 -11.38
CA ARG B 44 26.12 7.74 -10.29
C ARG B 44 25.06 8.10 -9.26
N THR B 45 24.33 7.09 -8.79
CA THR B 45 23.18 7.27 -7.92
C THR B 45 23.53 6.79 -6.52
N SER B 46 22.99 7.48 -5.50
CA SER B 46 23.25 7.11 -4.12
C SER B 46 22.49 5.88 -3.67
N GLU B 47 21.59 5.35 -4.49
CA GLU B 47 20.83 4.16 -4.15
C GLU B 47 20.65 3.32 -5.41
N ASN B 48 20.06 2.14 -5.25
CA ASN B 48 19.80 1.24 -6.36
C ASN B 48 18.48 1.62 -7.02
N ILE B 49 18.48 1.79 -8.34
CA ILE B 49 17.29 2.21 -9.06
C ILE B 49 16.95 1.26 -10.21
N PHE B 50 17.54 0.06 -10.24
CA PHE B 50 17.11 -1.02 -11.13
C PHE B 50 17.07 -0.58 -12.60
N SER B 51 17.99 0.30 -13.00
CA SER B 51 18.05 0.82 -14.36
C SER B 51 16.79 1.63 -14.70
N TYR B 52 16.40 2.52 -13.79
CA TYR B 52 15.34 3.50 -14.04
C TYR B 52 16.02 4.87 -14.04
N LEU B 53 16.51 5.28 -15.21
CA LEU B 53 17.25 6.54 -15.29
C LEU B 53 17.10 7.12 -16.69
N ALA B 54 16.54 8.31 -16.77
CA ALA B 54 16.31 8.99 -18.04
C ALA B 54 17.37 10.05 -18.28
N TRP B 55 17.57 10.37 -19.56
CA TRP B 55 18.57 11.36 -19.96
C TRP B 55 17.88 12.44 -20.78
N TYR B 56 17.97 13.68 -20.33
CA TYR B 56 17.42 14.83 -21.05
C TYR B 56 18.54 15.62 -21.71
N GLN B 57 18.14 16.52 -22.61
CA GLN B 57 19.09 17.40 -23.31
C GLN B 57 18.44 18.77 -23.45
N GLN B 58 18.89 19.71 -22.62
CA GLN B 58 18.41 21.09 -22.67
C GLN B 58 19.43 21.92 -23.43
N LYS B 59 19.02 22.51 -24.55
CA LYS B 59 19.89 23.37 -25.32
C LYS B 59 19.99 24.72 -24.61
N GLN B 60 20.67 25.68 -25.24
CA GLN B 60 20.88 27.00 -24.66
C GLN B 60 19.61 27.82 -24.84
N GLY B 61 18.76 27.83 -23.83
CA GLY B 61 17.54 28.63 -23.82
C GLY B 61 16.26 27.82 -23.92
N LYS B 62 16.31 26.68 -24.60
CA LYS B 62 15.12 25.90 -24.83
C LYS B 62 14.78 25.04 -23.60
N SER B 63 13.62 24.41 -23.65
CA SER B 63 13.21 23.47 -22.62
C SER B 63 13.87 22.12 -22.86
N PRO B 64 13.98 21.28 -21.83
CA PRO B 64 14.63 19.99 -22.00
C PRO B 64 13.89 19.10 -22.99
N GLN B 65 14.49 17.95 -23.27
CA GLN B 65 13.95 17.00 -24.23
C GLN B 65 14.40 15.60 -23.86
N LEU B 66 13.45 14.70 -23.70
CA LEU B 66 13.77 13.34 -23.31
C LEU B 66 14.49 12.61 -24.45
N LEU B 67 15.68 12.09 -24.16
CA LEU B 67 16.45 11.31 -25.12
C LEU B 67 16.39 9.83 -24.85
N VAL B 68 16.75 9.41 -23.64
CA VAL B 68 16.82 8.01 -23.26
C VAL B 68 16.00 7.82 -21.99
N TYR B 69 15.17 6.78 -21.97
CA TYR B 69 14.49 6.36 -20.75
C TYR B 69 14.77 4.88 -20.53
N ASN B 70 14.55 4.44 -19.29
CA ASN B 70 14.94 3.11 -18.84
C ASN B 70 16.43 2.85 -19.02
N ALA B 71 17.22 3.91 -19.18
CA ALA B 71 18.67 3.89 -19.21
C ALA B 71 19.22 3.25 -20.47
N LYS B 72 18.35 2.67 -21.30
CA LYS B 72 18.81 1.99 -22.51
C LYS B 72 17.94 2.34 -23.71
N THR B 73 16.68 2.70 -23.47
CA THR B 73 15.68 2.80 -24.53
C THR B 73 15.66 4.23 -25.09
N LEU B 74 16.09 4.38 -26.33
CA LEU B 74 16.00 5.66 -27.01
C LEU B 74 14.53 6.00 -27.26
N THR B 75 14.28 7.26 -27.60
CA THR B 75 12.94 7.74 -27.89
C THR B 75 12.75 7.91 -29.39
N SER B 76 11.54 8.27 -29.79
CA SER B 76 11.19 8.45 -31.19
C SER B 76 11.70 9.80 -31.67
N GLY B 77 12.74 9.80 -32.50
CA GLY B 77 13.28 11.01 -33.09
C GLY B 77 14.75 11.22 -32.80
N VAL B 78 15.23 10.78 -31.65
CA VAL B 78 16.64 10.95 -31.30
C VAL B 78 17.48 10.05 -32.19
N PRO B 79 18.59 10.54 -32.75
CA PRO B 79 19.38 9.71 -33.68
C PRO B 79 20.01 8.49 -33.01
N SER B 80 20.70 7.68 -33.80
CA SER B 80 21.32 6.46 -33.29
C SER B 80 22.69 6.72 -32.66
N ARG B 81 23.20 7.95 -32.71
CA ARG B 81 24.51 8.22 -32.12
C ARG B 81 24.45 8.24 -30.60
N PHE B 82 23.29 8.46 -30.01
CA PHE B 82 23.13 8.36 -28.57
C PHE B 82 22.88 6.91 -28.18
N SER B 83 23.42 6.52 -27.02
CA SER B 83 23.23 5.15 -26.54
C SER B 83 23.46 5.14 -25.03
N GLY B 84 22.39 4.90 -24.27
CA GLY B 84 22.53 4.74 -22.84
C GLY B 84 22.96 3.34 -22.47
N SER B 85 23.52 3.22 -21.27
CA SER B 85 24.01 1.94 -20.77
C SER B 85 24.02 1.98 -19.25
N GLY B 86 24.64 0.98 -18.65
CA GLY B 86 24.75 0.93 -17.20
C GLY B 86 23.47 0.45 -16.53
N SER B 87 23.62 0.07 -15.26
CA SER B 87 22.51 -0.38 -14.44
C SER B 87 22.98 -0.46 -13.00
N GLY B 88 22.04 -0.35 -12.08
CA GLY B 88 22.36 -0.40 -10.67
C GLY B 88 22.49 0.97 -10.05
N THR B 89 23.73 1.41 -9.83
CA THR B 89 24.01 2.73 -9.26
C THR B 89 25.01 3.53 -10.07
N GLN B 90 25.43 3.03 -11.24
CA GLN B 90 26.40 3.73 -12.08
C GLN B 90 25.92 3.64 -13.51
N PHE B 91 25.41 4.74 -14.05
CA PHE B 91 24.89 4.82 -15.40
C PHE B 91 25.79 5.70 -16.26
N SER B 92 25.68 5.54 -17.56
CA SER B 92 26.51 6.30 -18.49
C SER B 92 25.72 6.59 -19.76
N LEU B 93 26.08 7.69 -20.41
CA LEU B 93 25.54 8.05 -21.71
C LEU B 93 26.70 8.32 -22.65
N LYS B 94 26.80 7.54 -23.72
CA LYS B 94 27.89 7.66 -24.68
C LYS B 94 27.36 8.31 -25.95
N ILE B 95 27.96 9.42 -26.34
CA ILE B 95 27.59 10.14 -27.55
C ILE B 95 28.78 10.07 -28.50
N ASN B 96 28.63 9.34 -29.60
CA ASN B 96 29.69 9.21 -30.58
C ASN B 96 29.41 10.10 -31.78
N SER B 97 30.49 10.62 -32.37
CA SER B 97 30.41 11.49 -33.54
C SER B 97 29.56 12.73 -33.25
N LEU B 98 30.08 13.56 -32.34
CA LEU B 98 29.41 14.78 -31.93
C LEU B 98 29.11 15.70 -33.10
N GLN B 99 27.83 15.89 -33.40
CA GLN B 99 27.38 16.86 -34.38
C GLN B 99 27.13 18.21 -33.72
N PRO B 100 27.19 19.30 -34.49
CA PRO B 100 27.03 20.63 -33.89
C PRO B 100 25.74 20.83 -33.10
N GLU B 101 24.71 20.01 -33.34
CA GLU B 101 23.46 20.12 -32.60
C GLU B 101 23.41 19.19 -31.39
N ASP B 102 24.54 18.62 -30.99
CA ASP B 102 24.61 17.74 -29.83
C ASP B 102 25.12 18.47 -28.60
N PHE B 103 25.36 19.78 -28.68
CA PHE B 103 25.98 20.54 -27.60
C PHE B 103 24.94 21.29 -26.81
N GLY B 104 24.83 20.97 -25.52
CA GLY B 104 23.89 21.61 -24.63
C GLY B 104 24.12 21.17 -23.20
N SER B 105 23.05 20.96 -22.45
CA SER B 105 23.14 20.46 -21.09
C SER B 105 22.37 19.15 -20.98
N TYR B 106 22.95 18.17 -20.30
CA TYR B 106 22.36 16.85 -20.16
C TYR B 106 22.10 16.58 -18.69
N TYR B 107 20.85 16.31 -18.36
CA TYR B 107 20.42 16.07 -16.98
C TYR B 107 19.89 14.65 -16.86
N CYS B 108 20.56 13.83 -16.07
CA CYS B 108 20.03 12.50 -15.79
C CYS B 108 18.93 12.61 -14.73
N GLN B 109 17.90 11.79 -14.88
CA GLN B 109 16.76 11.81 -13.98
C GLN B 109 16.26 10.39 -13.78
N HIS B 110 16.18 9.96 -12.52
CA HIS B 110 15.64 8.65 -12.21
C HIS B 110 14.12 8.70 -12.21
N HIS B 111 13.51 7.63 -12.72
CA HIS B 111 12.07 7.48 -12.59
C HIS B 111 11.77 6.21 -11.80
N TYR B 112 12.49 6.01 -10.70
CA TYR B 112 12.20 4.91 -9.80
C TYR B 112 10.89 5.16 -9.05
N GLY B 113 10.77 6.30 -8.40
CA GLY B 113 9.55 6.62 -7.68
C GLY B 113 9.66 8.01 -7.08
N SER B 114 8.50 8.56 -6.74
CA SER B 114 8.45 9.90 -6.18
C SER B 114 9.23 9.96 -4.87
N PRO B 115 9.98 11.04 -4.63
CA PRO B 115 10.16 12.22 -5.48
C PRO B 115 11.28 12.06 -6.51
N TYR B 116 11.05 12.56 -7.73
CA TYR B 116 12.04 12.44 -8.80
C TYR B 116 13.06 13.56 -8.69
N THR B 117 14.34 13.19 -8.75
CA THR B 117 15.43 14.14 -8.60
C THR B 117 16.32 14.07 -9.83
N PHE B 118 16.67 15.22 -10.38
CA PHE B 118 17.55 15.31 -11.53
C PHE B 118 19.01 15.35 -11.08
N GLY B 119 19.91 15.14 -12.03
CA GLY B 119 21.33 15.22 -11.77
C GLY B 119 21.81 16.65 -11.72
N GLY B 120 23.14 16.79 -11.63
CA GLY B 120 23.72 18.12 -11.56
C GLY B 120 23.72 18.83 -12.90
N GLY B 121 23.95 18.10 -13.98
CA GLY B 121 24.01 18.70 -15.30
C GLY B 121 25.42 18.66 -15.86
N THR B 122 25.51 18.49 -17.17
CA THR B 122 26.79 18.41 -17.87
C THR B 122 26.75 19.36 -19.06
N LYS B 123 27.39 20.52 -18.91
CA LYS B 123 27.45 21.50 -19.98
C LYS B 123 28.47 21.03 -21.02
N LEU B 124 27.98 20.46 -22.12
CA LEU B 124 28.83 19.98 -23.20
C LEU B 124 29.07 21.14 -24.17
N GLU B 125 30.32 21.56 -24.29
CA GLU B 125 30.69 22.71 -25.10
C GLU B 125 31.64 22.30 -26.21
N ILE B 126 31.67 23.09 -27.27
CA ILE B 126 32.61 22.85 -28.37
C ILE B 126 33.96 23.45 -28.01
N LYS B 127 34.99 22.99 -28.72
CA LYS B 127 36.33 23.56 -28.60
C LYS B 127 37.24 23.05 -29.71
N GLU C 20 1.66 16.03 -32.71
CA GLU C 20 1.93 17.45 -32.56
C GLU C 20 1.40 17.98 -31.24
N ILE C 21 1.83 17.34 -30.14
CA ILE C 21 1.44 17.80 -28.81
C ILE C 21 2.11 19.13 -28.52
N GLN C 22 1.38 20.06 -27.91
CA GLN C 22 1.87 21.40 -27.62
C GLN C 22 1.29 21.83 -26.29
N LEU C 23 2.15 21.99 -25.28
CA LEU C 23 1.74 22.44 -23.96
C LEU C 23 2.01 23.94 -23.86
N GLN C 24 1.11 24.71 -24.47
CA GLN C 24 1.26 26.17 -24.46
C GLN C 24 1.09 26.70 -23.04
N GLN C 25 2.04 27.52 -22.61
CA GLN C 25 2.12 27.98 -21.24
C GLN C 25 1.99 29.50 -21.19
N SER C 26 1.73 30.01 -19.99
CA SER C 26 1.42 31.41 -19.82
C SER C 26 2.67 32.27 -20.03
N GLY C 27 2.50 33.58 -19.87
CA GLY C 27 3.58 34.52 -20.09
C GLY C 27 4.47 34.66 -18.87
N ALA C 28 5.39 35.60 -18.97
CA ALA C 28 6.31 35.89 -17.88
C ALA C 28 5.54 36.50 -16.70
N GLU C 29 6.25 36.72 -15.59
CA GLU C 29 5.63 37.26 -14.39
C GLU C 29 6.67 38.03 -13.59
N LEU C 30 6.22 39.06 -12.89
CA LEU C 30 7.10 39.90 -12.08
C LEU C 30 6.26 40.44 -10.93
N VAL C 31 6.39 39.81 -9.76
CA VAL C 31 5.56 40.13 -8.61
C VAL C 31 6.44 40.58 -7.45
N LYS C 32 5.82 41.25 -6.49
CA LYS C 32 6.49 41.63 -5.25
C LYS C 32 6.56 40.43 -4.32
N PRO C 33 7.54 40.40 -3.42
CA PRO C 33 7.65 39.28 -2.48
C PRO C 33 6.40 39.14 -1.62
N GLY C 34 6.17 37.91 -1.16
CA GLY C 34 5.01 37.60 -0.36
C GLY C 34 3.70 37.49 -1.11
N ALA C 35 3.67 37.88 -2.38
CA ALA C 35 2.45 37.81 -3.17
C ALA C 35 2.23 36.39 -3.66
N SER C 36 1.30 36.20 -4.58
CA SER C 36 0.99 34.89 -5.13
C SER C 36 0.86 34.96 -6.64
N VAL C 37 1.26 33.87 -7.31
CA VAL C 37 1.17 33.73 -8.75
C VAL C 37 0.45 32.43 -9.05
N LYS C 38 -0.27 32.41 -10.18
CA LYS C 38 -0.99 31.22 -10.62
C LYS C 38 -0.68 31.00 -12.11
N MET C 39 0.28 30.14 -12.39
CA MET C 39 0.63 29.82 -13.76
C MET C 39 -0.42 28.92 -14.40
N SER C 40 -0.37 28.83 -15.71
CA SER C 40 -1.29 27.99 -16.48
C SER C 40 -0.53 27.29 -17.58
N CYS C 41 -0.92 26.04 -17.88
CA CYS C 41 -0.32 25.24 -18.94
C CYS C 41 -1.46 24.71 -19.82
N LYS C 42 -1.87 25.51 -20.81
CA LYS C 42 -2.98 25.13 -21.66
C LYS C 42 -2.55 24.00 -22.59
N VAL C 43 -3.05 22.80 -22.33
CA VAL C 43 -2.65 21.63 -23.08
C VAL C 43 -3.41 21.58 -24.40
N SER C 44 -2.82 20.90 -25.39
CA SER C 44 -3.45 20.75 -26.70
C SER C 44 -2.74 19.64 -27.45
N GLY C 45 -3.50 18.67 -27.94
CA GLY C 45 -2.94 17.63 -28.77
C GLY C 45 -3.27 16.21 -28.34
N TYR C 46 -3.83 16.05 -27.14
CA TYR C 46 -4.18 14.73 -26.64
C TYR C 46 -5.29 14.85 -25.62
N SER C 47 -5.78 13.70 -25.17
CA SER C 47 -6.81 13.65 -24.14
C SER C 47 -6.24 14.14 -22.82
N PHE C 48 -6.65 15.34 -22.40
CA PHE C 48 -6.00 16.00 -21.27
C PHE C 48 -6.05 15.17 -20.00
N THR C 49 -7.10 14.38 -19.80
CA THR C 49 -7.28 13.61 -18.57
C THR C 49 -6.72 12.20 -18.66
N GLY C 50 -5.68 11.98 -19.47
CA GLY C 50 -5.16 10.65 -19.64
C GLY C 50 -3.68 10.51 -19.32
N TYR C 51 -3.05 11.59 -18.88
CA TYR C 51 -1.64 11.56 -18.51
C TYR C 51 -1.40 12.56 -17.40
N ASN C 52 -0.56 12.19 -16.44
CA ASN C 52 -0.17 13.09 -15.37
C ASN C 52 0.43 14.36 -15.93
N MET C 53 0.46 15.41 -15.11
CA MET C 53 1.00 16.71 -15.50
C MET C 53 2.06 17.09 -14.49
N ASN C 54 3.30 16.67 -14.75
CA ASN C 54 4.41 16.99 -13.88
C ASN C 54 4.75 18.48 -13.99
N TRP C 55 5.05 19.10 -12.86
CA TRP C 55 5.48 20.49 -12.81
C TRP C 55 6.94 20.52 -12.36
N VAL C 56 7.79 21.15 -13.17
CA VAL C 56 9.22 21.16 -12.95
C VAL C 56 9.71 22.59 -12.81
N LYS C 57 10.58 22.83 -11.83
CA LYS C 57 11.14 24.14 -11.56
C LYS C 57 12.64 24.11 -11.86
N GLN C 58 13.12 25.12 -12.58
CA GLN C 58 14.54 25.24 -12.91
C GLN C 58 15.00 26.64 -12.54
N SER C 59 16.01 26.72 -11.68
CA SER C 59 16.58 28.00 -11.30
C SER C 59 17.38 28.58 -12.48
N HIS C 60 17.99 29.73 -12.25
CA HIS C 60 18.77 30.38 -13.29
C HIS C 60 20.09 29.65 -13.52
N GLY C 61 20.10 28.72 -14.47
CA GLY C 61 21.31 27.99 -14.78
C GLY C 61 21.69 26.91 -13.79
N LYS C 62 20.75 26.47 -12.95
CA LYS C 62 20.97 25.40 -12.01
C LYS C 62 20.28 24.13 -12.47
N SER C 63 20.32 23.10 -11.64
CA SER C 63 19.70 21.84 -11.97
C SER C 63 18.18 21.95 -11.92
N LEU C 64 17.52 21.01 -12.59
CA LEU C 64 16.08 20.94 -12.58
C LEU C 64 15.60 20.38 -11.24
N GLU C 65 14.37 20.73 -10.88
CA GLU C 65 13.75 20.24 -9.66
C GLU C 65 12.30 19.89 -9.94
N TRP C 66 11.85 18.77 -9.38
CA TRP C 66 10.49 18.28 -9.61
C TRP C 66 9.59 18.78 -8.50
N ILE C 67 8.59 19.57 -8.85
CA ILE C 67 7.68 20.13 -7.85
C ILE C 67 6.61 19.12 -7.48
N GLY C 68 5.93 18.57 -8.46
CA GLY C 68 4.92 17.57 -8.19
C GLY C 68 4.22 17.17 -9.47
N ASN C 69 3.09 16.48 -9.31
CA ASN C 69 2.27 16.10 -10.46
C ASN C 69 0.83 15.96 -10.02
N ILE C 70 -0.07 16.34 -10.92
CA ILE C 70 -1.50 16.25 -10.69
C ILE C 70 -2.10 15.28 -11.70
N ASN C 71 -2.86 14.31 -11.22
CA ASN C 71 -3.51 13.34 -12.09
C ASN C 71 -4.83 13.94 -12.57
N PRO C 72 -4.94 14.27 -13.86
CA PRO C 72 -6.14 14.98 -14.32
C PRO C 72 -7.41 14.16 -14.31
N TYR C 73 -7.33 12.82 -14.25
CA TYR C 73 -8.55 12.02 -14.27
C TYR C 73 -9.31 12.16 -12.96
N TYR C 74 -8.72 11.73 -11.86
CA TYR C 74 -9.17 12.10 -10.53
C TYR C 74 -8.14 13.02 -9.91
N VAL C 75 -8.58 14.17 -9.43
CA VAL C 75 -7.66 15.24 -9.11
C VAL C 75 -6.97 14.91 -7.80
N SER C 76 -5.83 14.23 -7.91
CA SER C 76 -5.05 13.77 -6.78
C SER C 76 -3.60 14.16 -7.00
N THR C 77 -3.14 15.18 -6.30
CA THR C 77 -1.80 15.70 -6.46
C THR C 77 -0.79 14.83 -5.72
N ASN C 78 0.49 15.06 -6.01
CA ASN C 78 1.59 14.36 -5.36
C ASN C 78 2.78 15.31 -5.35
N TYR C 79 3.00 15.97 -4.22
CA TYR C 79 3.97 17.06 -4.13
C TYR C 79 5.33 16.54 -3.68
N ASN C 80 6.37 17.22 -4.14
CA ASN C 80 7.68 17.06 -3.52
C ASN C 80 7.63 17.59 -2.10
N GLN C 81 8.32 16.91 -1.19
CA GLN C 81 8.26 17.32 0.22
C GLN C 81 8.81 18.73 0.43
N LYS C 82 9.73 19.16 -0.44
CA LYS C 82 10.25 20.52 -0.32
C LYS C 82 9.20 21.55 -0.72
N PHE C 83 8.38 21.24 -1.73
CA PHE C 83 7.45 22.19 -2.31
C PHE C 83 6.03 22.01 -1.81
N THR C 84 5.83 21.26 -0.73
CA THR C 84 4.49 21.16 -0.15
C THR C 84 4.21 22.42 0.66
N GLY C 85 2.99 22.95 0.53
CA GLY C 85 2.65 24.23 1.10
C GLY C 85 3.07 25.43 0.27
N LYS C 86 4.07 25.26 -0.59
CA LYS C 86 4.52 26.32 -1.49
C LYS C 86 3.89 26.22 -2.87
N ALA C 87 3.34 25.07 -3.24
CA ALA C 87 2.75 24.87 -4.55
C ALA C 87 1.39 24.20 -4.41
N THR C 88 0.47 24.55 -5.30
CA THR C 88 -0.86 23.95 -5.32
C THR C 88 -1.28 23.76 -6.77
N PHE C 89 -1.60 22.52 -7.14
CA PHE C 89 -1.97 22.18 -8.49
C PHE C 89 -3.49 22.12 -8.61
N THR C 90 -4.05 22.88 -9.55
CA THR C 90 -5.46 22.82 -9.88
C THR C 90 -5.59 22.64 -11.39
N VAL C 91 -6.60 21.88 -11.80
CA VAL C 91 -6.85 21.62 -13.21
C VAL C 91 -8.26 22.07 -13.56
N ASP C 92 -8.45 22.40 -14.83
CA ASP C 92 -9.75 22.81 -15.37
C ASP C 92 -9.95 22.03 -16.67
N ARG C 93 -10.57 20.86 -16.56
CA ARG C 93 -10.70 19.98 -17.71
C ARG C 93 -11.75 20.47 -18.70
N SER C 94 -12.50 21.52 -18.37
CA SER C 94 -13.40 22.11 -19.37
C SER C 94 -12.60 22.76 -20.49
N SER C 95 -11.56 23.52 -20.15
CA SER C 95 -10.67 24.13 -21.13
C SER C 95 -9.35 23.38 -21.26
N SER C 96 -9.11 22.35 -20.44
CA SER C 96 -7.93 21.51 -20.51
C SER C 96 -6.65 22.32 -20.27
N THR C 97 -6.62 23.01 -19.14
CA THR C 97 -5.44 23.73 -18.69
C THR C 97 -5.14 23.37 -17.24
N ALA C 98 -3.87 23.19 -16.94
CA ALA C 98 -3.41 22.87 -15.59
C ALA C 98 -2.77 24.10 -14.97
N TYR C 99 -3.07 24.35 -13.70
CA TYR C 99 -2.59 25.53 -13.00
C TYR C 99 -1.64 25.13 -11.87
N MET C 100 -0.77 26.06 -11.51
CA MET C 100 0.06 25.94 -10.32
C MET C 100 0.11 27.29 -9.62
N GLN C 101 -0.07 27.27 -8.30
CA GLN C 101 -0.05 28.48 -7.49
C GLN C 101 1.12 28.44 -6.53
N LEU C 102 1.81 29.58 -6.40
CA LEU C 102 2.92 29.73 -5.47
C LEU C 102 2.53 30.71 -4.38
N ASP C 103 2.64 30.29 -3.13
CA ASP C 103 2.20 31.07 -1.98
C ASP C 103 3.40 31.62 -1.23
N SER C 104 3.35 32.91 -0.89
CA SER C 104 4.36 33.58 -0.07
C SER C 104 5.75 33.46 -0.73
N LEU C 105 5.88 34.06 -1.90
CA LEU C 105 7.10 33.95 -2.67
C LEU C 105 8.26 34.63 -1.97
N THR C 106 9.38 33.93 -1.88
CA THR C 106 10.63 34.47 -1.36
C THR C 106 11.55 34.84 -2.51
N SER C 107 12.60 35.59 -2.20
CA SER C 107 13.58 35.99 -3.20
C SER C 107 14.33 34.81 -3.81
N GLU C 108 14.16 33.61 -3.26
CA GLU C 108 14.82 32.42 -3.79
C GLU C 108 14.02 31.74 -4.90
N ASP C 109 12.77 32.15 -5.12
CA ASP C 109 11.91 31.54 -6.12
C ASP C 109 11.95 32.27 -7.45
N SER C 110 13.04 32.97 -7.76
CA SER C 110 13.22 33.58 -9.08
C SER C 110 13.80 32.51 -10.00
N ALA C 111 12.91 31.75 -10.63
CA ALA C 111 13.31 30.62 -11.44
C ALA C 111 12.41 30.55 -12.66
N VAL C 112 12.53 29.46 -13.42
CA VAL C 112 11.68 29.16 -14.56
C VAL C 112 10.93 27.88 -14.25
N TYR C 113 9.62 27.88 -14.47
CA TYR C 113 8.76 26.77 -14.11
C TYR C 113 8.18 26.16 -15.37
N TYR C 114 8.40 24.86 -15.55
CA TYR C 114 7.91 24.11 -16.70
C TYR C 114 6.76 23.21 -16.30
N CYS C 115 5.85 22.99 -17.24
CA CYS C 115 4.86 21.93 -17.14
C CYS C 115 5.29 20.80 -18.07
N ALA C 116 5.28 19.57 -17.56
CA ALA C 116 5.84 18.45 -18.29
C ALA C 116 4.88 17.27 -18.18
N ARG C 117 4.43 16.77 -19.33
CA ARG C 117 3.52 15.63 -19.35
C ARG C 117 4.30 14.34 -19.15
N SER C 118 3.77 13.46 -18.30
CA SER C 118 4.41 12.17 -18.06
C SER C 118 4.29 11.29 -19.30
N TYR C 119 5.40 10.64 -19.66
CA TYR C 119 5.44 9.79 -20.85
C TYR C 119 4.75 8.46 -20.53
N GLY C 120 3.42 8.48 -20.59
CA GLY C 120 2.63 7.27 -20.48
C GLY C 120 3.01 6.34 -19.34
N SER C 121 3.53 5.16 -19.69
CA SER C 121 3.88 4.15 -18.70
C SER C 121 4.93 4.68 -17.73
N SER C 122 6.12 4.99 -18.24
CA SER C 122 7.15 5.57 -17.40
C SER C 122 6.72 6.96 -16.95
N HIS C 123 7.37 7.45 -15.89
CA HIS C 123 7.13 8.81 -15.41
C HIS C 123 8.24 9.75 -15.82
N THR C 124 8.80 9.55 -17.01
CA THR C 124 9.66 10.54 -17.63
C THR C 124 8.80 11.61 -18.28
N PHE C 125 9.44 12.74 -18.61
CA PHE C 125 8.73 13.93 -19.04
C PHE C 125 8.93 14.08 -20.54
N ALA C 126 8.01 13.50 -21.32
CA ALA C 126 8.19 13.43 -22.77
C ALA C 126 8.01 14.80 -23.42
N TYR C 127 6.99 15.54 -23.01
CA TYR C 127 6.64 16.80 -23.63
C TYR C 127 6.62 17.91 -22.58
N TRP C 128 7.40 18.95 -22.81
CA TRP C 128 7.53 20.07 -21.90
C TRP C 128 6.84 21.31 -22.48
N GLY C 129 6.56 22.27 -21.62
CA GLY C 129 6.05 23.55 -22.06
C GLY C 129 7.17 24.41 -22.61
N GLN C 130 7.15 25.72 -22.30
CA GLN C 130 8.25 26.59 -22.67
C GLN C 130 8.80 27.39 -21.50
N GLY C 131 8.14 27.39 -20.35
CA GLY C 131 8.65 28.09 -19.19
C GLY C 131 7.95 29.41 -18.92
N THR C 132 7.75 29.72 -17.64
CA THR C 132 7.17 30.99 -17.22
C THR C 132 8.15 31.65 -16.26
N LEU C 133 8.90 32.62 -16.76
CA LEU C 133 9.91 33.30 -15.96
C LEU C 133 9.26 34.04 -14.80
N VAL C 134 9.47 33.52 -13.58
CA VAL C 134 8.96 34.15 -12.37
C VAL C 134 10.12 34.85 -11.69
N THR C 135 9.98 36.16 -11.48
CA THR C 135 10.99 36.95 -10.79
C THR C 135 10.32 37.81 -9.74
N VAL C 136 10.90 37.83 -8.54
CA VAL C 136 10.35 38.57 -7.41
C VAL C 136 11.38 39.60 -6.95
N SER C 137 10.94 40.84 -6.81
CA SER C 137 11.80 41.95 -6.40
C SER C 137 10.88 43.11 -6.04
N SER C 138 11.48 44.28 -5.82
CA SER C 138 10.71 45.47 -5.48
C SER C 138 11.04 46.62 -6.43
N HIS D 2 -15.32 -36.39 21.05
CA HIS D 2 -15.34 -36.66 19.61
C HIS D 2 -14.20 -35.93 18.91
N LEU D 3 -14.48 -35.42 17.71
CA LEU D 3 -13.48 -34.72 16.92
C LEU D 3 -14.10 -33.47 16.31
N LYS D 4 -13.37 -32.36 16.38
CA LYS D 4 -13.81 -31.11 15.80
C LYS D 4 -12.64 -30.47 15.08
N CYS D 5 -12.87 -29.98 13.87
CA CYS D 5 -11.84 -29.39 13.03
C CYS D 5 -12.06 -27.89 12.95
N LYS D 6 -11.06 -27.12 13.40
CA LYS D 6 -11.04 -25.68 13.24
C LYS D 6 -9.99 -25.32 12.20
N CYS D 7 -10.37 -24.51 11.22
CA CYS D 7 -9.47 -24.13 10.14
C CYS D 7 -9.11 -22.66 10.27
N HIS D 8 -7.82 -22.37 10.18
CA HIS D 8 -7.29 -21.02 10.31
C HIS D 8 -6.88 -20.50 8.94
N GLY D 9 -7.03 -19.20 8.73
CA GLY D 9 -6.67 -18.63 7.45
C GLY D 9 -6.82 -17.14 7.47
N LEU D 10 -6.67 -16.54 6.29
CA LEU D 10 -6.71 -15.10 6.15
C LEU D 10 -8.15 -14.58 6.12
N GLY D 12 -10.84 -15.56 7.58
CA GLY D 12 -11.84 -16.60 7.41
C GLY D 12 -11.61 -17.45 6.18
N SER D 13 -10.79 -18.48 6.33
CA SER D 13 -10.49 -19.42 5.25
C SER D 13 -9.93 -20.67 5.92
N CYS D 14 -9.78 -21.72 5.12
CA CYS D 14 -9.29 -23.00 5.62
C CYS D 14 -7.95 -23.36 4.97
N GLU D 15 -7.05 -22.39 4.86
CA GLU D 15 -5.73 -22.67 4.32
C GLU D 15 -4.95 -23.62 5.21
N VAL D 16 -5.21 -23.60 6.52
CA VAL D 16 -4.59 -24.52 7.46
C VAL D 16 -5.63 -24.85 8.54
N LYS D 17 -5.77 -26.13 8.84
CA LYS D 17 -6.74 -26.60 9.83
C LYS D 17 -6.07 -27.52 10.82
N THR D 18 -6.48 -27.41 12.09
CA THR D 18 -5.91 -28.20 13.18
C THR D 18 -7.05 -28.91 13.91
N CYS D 19 -7.25 -30.19 13.59
CA CYS D 19 -8.25 -31.00 14.27
C CYS D 19 -7.65 -31.65 15.51
N TRP D 20 -8.53 -32.00 16.45
CA TRP D 20 -8.09 -32.57 17.71
C TRP D 20 -9.23 -33.34 18.35
N TRP D 21 -8.91 -34.08 19.41
CA TRP D 21 -9.88 -34.90 20.09
C TRP D 21 -10.22 -34.32 21.46
#